data_5BWT
#
_entry.id   5BWT
#
_cell.length_a   69.307
_cell.length_b   106.628
_cell.length_c   108.049
_cell.angle_alpha   90.000
_cell.angle_beta   90.000
_cell.angle_gamma   90.000
#
_symmetry.space_group_name_H-M   'P 21 21 21'
#
loop_
_entity.id
_entity.type
_entity.pdbx_description
1 polymer 'Branched-chain-amino-acid aminotransferase, mitochondrial'
2 non-polymer "PYRIDOXAL-5'-PHOSPHATE"
3 non-polymer 5-ethyl-2-methyl-7-oxo-4,7-dihydropyrazolo[1,5-a]pyrimidine-3-carbonitrile
4 non-polymer 'CHLORIDE ION'
5 non-polymer 1,2-ETHANEDIOL
6 non-polymer GLYCEROL
7 water water
#
_entity_poly.entity_id   1
_entity_poly.type   'polypeptide(L)'
_entity_poly.pdbx_seq_one_letter_code
;GSHMASSSFKAADLQLEMTQKPHKKPGPGEPLVFGKTFTDHMLMVEWNDKGWGQPRIQPFQNLTLHPASSSLHYSLQLFE
GMKAFKGKDQQVRLFRPWLNMDRMLRSAMRLCLPSFDKLELLECIRRLIEVDKDWVPDAAGTSLYVRPVLIGNEPSLGVS
QPTRALLFVILCPVGAYFPGGSVTPVSLLADPAFIRAWVGGVGNYKLGGNYGPTVLVQQEALKRGCEQVLWLYGPDHQLT
EVGTMNIFVYWTHEDGVLELVTPPLNGVILPGVVRQSLLDMAQTWGEFRVVERTITMKQLLRALEEGRVREVFGSGTACQ
VCPVHRILYKDRNLHIPTMENGPELILRFQKELKEIQYGIRAHEWMFPV
;
_entity_poly.pdbx_strand_id   A,B
#
loop_
_chem_comp.id
_chem_comp.type
_chem_comp.name
_chem_comp.formula
4VS non-polymer 5-ethyl-2-methyl-7-oxo-4,7-dihydropyrazolo[1,5-a]pyrimidine-3-carbonitrile 'C10 H10 N4 O'
CL non-polymer 'CHLORIDE ION' 'Cl -1'
EDO non-polymer 1,2-ETHANEDIOL 'C2 H6 O2'
GOL non-polymer GLYCEROL 'C3 H8 O3'
PLP non-polymer PYRIDOXAL-5'-PHOSPHATE 'C8 H10 N O6 P'
#
# COMPACT_ATOMS: atom_id res chain seq x y z
N SER A 7 4.78 26.45 -2.04
CA SER A 7 4.29 26.94 -3.35
C SER A 7 3.36 25.91 -4.03
N SER A 8 2.85 26.30 -5.19
CA SER A 8 1.97 25.45 -5.97
C SER A 8 2.07 25.81 -7.42
N PHE A 9 1.74 24.84 -8.27
CA PHE A 9 1.56 25.10 -9.68
C PHE A 9 0.34 26.02 -9.82
N LYS A 10 0.28 26.77 -10.92
CA LYS A 10 -0.83 27.67 -11.18
C LYS A 10 -1.53 27.29 -12.43
N ALA A 11 -2.86 27.30 -12.39
CA ALA A 11 -3.62 27.09 -13.61
C ALA A 11 -3.29 28.18 -14.62
N ALA A 12 -2.90 29.36 -14.18
CA ALA A 12 -2.53 30.44 -15.11
C ALA A 12 -1.34 30.06 -16.00
N ASP A 13 -0.49 29.15 -15.50
CA ASP A 13 0.69 28.67 -16.22
C ASP A 13 0.45 27.42 -17.06
N LEU A 14 -0.80 27.01 -17.21
CA LEU A 14 -1.10 25.79 -17.96
C LEU A 14 -0.61 25.81 -19.39
N GLN A 15 0.00 24.73 -19.85
CA GLN A 15 0.32 24.59 -21.27
C GLN A 15 -0.59 23.49 -21.80
N LEU A 16 -1.09 23.68 -23.02
CA LEU A 16 -1.96 22.72 -23.67
C LEU A 16 -1.29 22.12 -24.87
N GLU A 17 -1.26 20.80 -24.94
CA GLU A 17 -0.81 20.10 -26.12
C GLU A 17 -1.98 19.21 -26.55
N MET A 18 -2.63 19.60 -27.64
CA MET A 18 -3.78 18.87 -28.16
C MET A 18 -3.33 17.65 -28.87
N THR A 19 -4.19 16.65 -28.94
CA THR A 19 -3.82 15.38 -29.49
C THR A 19 -3.90 15.41 -31.01
N GLN A 20 -3.06 14.59 -31.63
CA GLN A 20 -3.00 14.44 -33.08
C GLN A 20 -3.45 13.01 -33.46
N LYS A 21 -3.90 12.24 -32.48
CA LYS A 21 -4.36 10.87 -32.66
C LYS A 21 -5.61 10.67 -31.77
N PRO A 22 -6.70 11.35 -32.08
CA PRO A 22 -7.86 11.22 -31.19
C PRO A 22 -8.40 9.78 -31.16
N HIS A 23 -8.79 9.30 -29.97
CA HIS A 23 -9.39 7.97 -29.83
C HIS A 23 -10.84 8.05 -30.38
N LYS A 24 -11.29 6.96 -31.01
CA LYS A 24 -12.68 6.83 -31.41
C LYS A 24 -13.48 6.66 -30.11
N LYS A 25 -14.56 7.41 -29.96
CA LYS A 25 -15.36 7.34 -28.74
C LYS A 25 -16.26 6.09 -28.74
N PRO A 26 -16.74 5.67 -27.55
CA PRO A 26 -17.50 4.42 -27.44
C PRO A 26 -18.72 4.38 -28.33
N GLY A 27 -18.89 3.28 -29.05
CA GLY A 27 -19.99 3.09 -30.00
C GLY A 27 -21.40 3.25 -29.45
N PRO A 28 -22.41 2.92 -30.29
CA PRO A 28 -23.81 3.07 -29.90
C PRO A 28 -24.33 1.94 -29.01
N GLY A 29 -24.16 0.70 -29.49
CA GLY A 29 -24.56 -0.50 -28.73
C GLY A 29 -23.34 -1.20 -28.14
N GLU A 30 -22.45 -0.39 -27.59
CA GLU A 30 -21.21 -0.84 -26.98
C GLU A 30 -21.20 -0.25 -25.57
N PRO A 31 -21.63 -1.03 -24.54
CA PRO A 31 -21.82 -0.49 -23.19
C PRO A 31 -20.53 -0.12 -22.46
N LEU A 32 -20.60 0.89 -21.59
CA LEU A 32 -19.44 1.40 -20.87
C LEU A 32 -19.06 0.53 -19.67
N VAL A 33 -17.83 0.02 -19.65
CA VAL A 33 -17.30 -0.75 -18.53
C VAL A 33 -16.49 0.20 -17.65
N PHE A 34 -16.81 0.27 -16.36
CA PHE A 34 -16.18 1.24 -15.45
C PHE A 34 -14.65 1.22 -15.44
N GLY A 35 -14.03 2.38 -15.66
CA GLY A 35 -12.59 2.51 -15.55
C GLY A 35 -11.73 1.81 -16.59
N LYS A 36 -12.33 1.42 -17.71
CA LYS A 36 -11.57 0.79 -18.77
C LYS A 36 -11.33 1.67 -20.00
N THR A 37 -12.16 2.70 -20.19
CA THR A 37 -12.09 3.55 -21.37
C THR A 37 -11.60 4.93 -20.99
N PHE A 38 -10.55 5.41 -21.64
CA PHE A 38 -9.96 6.69 -21.27
C PHE A 38 -10.13 7.74 -22.35
N THR A 39 -10.21 8.99 -21.93
CA THR A 39 -10.36 10.12 -22.86
C THR A 39 -9.03 10.45 -23.56
N ASP A 40 -9.06 11.50 -24.39
CA ASP A 40 -7.92 11.81 -25.26
C ASP A 40 -6.80 12.50 -24.54
N HIS A 41 -7.10 13.22 -23.46
CA HIS A 41 -6.07 13.99 -22.75
C HIS A 41 -5.96 13.66 -21.24
N MET A 42 -4.87 14.15 -20.65
CA MET A 42 -4.55 13.94 -19.25
C MET A 42 -3.88 15.16 -18.67
N LEU A 43 -4.02 15.37 -17.37
CA LEU A 43 -3.30 16.42 -16.69
C LEU A 43 -1.98 15.81 -16.20
N MET A 44 -0.92 16.60 -16.23
CA MET A 44 0.41 16.16 -15.76
C MET A 44 1.14 17.32 -15.13
N VAL A 45 1.63 17.12 -13.92
CA VAL A 45 2.40 18.13 -13.19
C VAL A 45 3.51 17.43 -12.41
N GLU A 46 4.75 17.91 -12.55
CA GLU A 46 5.91 17.35 -11.85
C GLU A 46 6.38 18.27 -10.73
N TRP A 47 6.93 17.67 -9.68
CA TRP A 47 7.48 18.35 -8.53
C TRP A 47 8.89 17.82 -8.33
N ASN A 48 9.82 18.70 -7.91
CA ASN A 48 11.17 18.27 -7.53
C ASN A 48 11.80 19.28 -6.54
N ASP A 49 13.13 19.30 -6.45
CA ASP A 49 13.77 20.24 -5.51
C ASP A 49 13.50 21.70 -5.90
N LYS A 50 13.22 21.96 -7.18
CA LYS A 50 12.80 23.30 -7.62
C LYS A 50 11.32 23.62 -7.38
N GLY A 51 10.57 22.73 -6.72
CA GLY A 51 9.14 22.94 -6.54
C GLY A 51 8.33 22.34 -7.67
N TRP A 52 7.12 22.84 -7.86
CA TRP A 52 6.26 22.35 -8.91
C TRP A 52 6.62 22.97 -10.25
N GLY A 53 6.68 22.14 -11.29
CA GLY A 53 6.85 22.66 -12.63
C GLY A 53 5.53 23.24 -13.11
N GLN A 54 5.42 23.43 -14.42
CA GLN A 54 4.19 23.99 -14.97
C GLN A 54 3.24 22.84 -15.23
N PRO A 55 1.92 23.07 -15.03
CA PRO A 55 0.97 22.02 -15.38
C PRO A 55 0.77 21.86 -16.89
N ARG A 56 0.54 20.65 -17.36
CA ARG A 56 0.31 20.38 -18.77
C ARG A 56 -0.93 19.53 -18.97
N ILE A 57 -1.74 19.91 -19.95
CA ILE A 57 -2.81 19.06 -20.43
C ILE A 57 -2.23 18.49 -21.71
N GLN A 58 -2.18 17.18 -21.81
CA GLN A 58 -1.45 16.58 -22.90
C GLN A 58 -2.11 15.34 -23.42
N PRO A 59 -1.71 14.89 -24.63
CA PRO A 59 -2.31 13.66 -25.11
C PRO A 59 -2.15 12.53 -24.10
N PHE A 60 -3.20 11.75 -23.93
CA PHE A 60 -3.17 10.60 -23.03
C PHE A 60 -1.96 9.76 -23.45
N GLN A 61 -1.03 9.52 -22.52
CA GLN A 61 0.18 8.75 -22.85
C GLN A 61 0.77 8.04 -21.63
N ASN A 62 1.65 7.10 -21.89
CA ASN A 62 2.28 6.33 -20.84
C ASN A 62 3.15 7.18 -19.93
N LEU A 63 3.36 6.67 -18.73
CA LEU A 63 4.28 7.26 -17.78
C LEU A 63 5.68 6.63 -17.98
N THR A 64 6.71 7.43 -17.71
CA THR A 64 8.09 6.99 -17.83
C THR A 64 8.65 7.10 -16.43
N LEU A 65 8.95 5.95 -15.83
CA LEU A 65 9.40 5.92 -14.45
C LEU A 65 10.75 5.22 -14.26
N HIS A 66 11.62 5.83 -13.47
CA HIS A 66 12.86 5.21 -13.02
C HIS A 66 12.50 3.87 -12.31
N PRO A 67 13.34 2.85 -12.48
CA PRO A 67 13.03 1.53 -11.91
C PRO A 67 13.01 1.49 -10.40
N ALA A 68 13.70 2.39 -9.74
CA ALA A 68 13.68 2.47 -8.29
C ALA A 68 12.61 3.43 -7.74
N SER A 69 11.70 3.91 -8.59
CA SER A 69 10.66 4.90 -8.21
C SER A 69 9.95 4.48 -6.94
N SER A 70 10.00 5.31 -5.91
CA SER A 70 9.37 4.95 -4.65
C SER A 70 7.85 4.75 -4.71
N SER A 71 7.22 5.22 -5.79
CA SER A 71 5.82 4.93 -6.01
C SER A 71 5.54 3.44 -6.16
N LEU A 72 6.57 2.68 -6.58
CA LEU A 72 6.46 1.26 -6.90
C LEU A 72 7.06 0.28 -5.87
N HIS A 73 7.97 0.77 -5.04
CA HIS A 73 8.61 -0.04 -4.03
C HIS A 73 7.98 0.14 -2.68
N TYR A 74 7.70 1.39 -2.28
CA TYR A 74 7.12 1.71 -0.98
C TYR A 74 5.73 2.36 -0.99
N SER A 75 4.99 2.17 -2.07
CA SER A 75 3.61 2.60 -2.20
C SER A 75 3.36 4.07 -1.80
N LEU A 76 4.22 4.96 -2.29
CA LEU A 76 4.02 6.41 -2.10
C LEU A 76 3.06 6.86 -3.19
N GLN A 77 1.79 6.59 -2.94
CA GLN A 77 0.77 6.79 -3.93
C GLN A 77 -0.56 7.01 -3.26
N LEU A 78 -1.32 7.93 -3.82
CA LEU A 78 -2.67 8.23 -3.38
C LEU A 78 -3.50 8.57 -4.61
N PHE A 79 -4.82 8.47 -4.50
CA PHE A 79 -5.68 8.77 -5.62
C PHE A 79 -6.98 9.36 -5.14
N GLU A 80 -7.71 9.92 -6.07
CA GLU A 80 -9.06 10.40 -5.82
C GLU A 80 -9.96 9.86 -6.88
N GLY A 81 -11.24 10.08 -6.65
CA GLY A 81 -12.28 9.67 -7.58
C GLY A 81 -13.49 10.58 -7.40
N MET A 82 -13.87 11.28 -8.47
CA MET A 82 -15.07 12.12 -8.49
C MET A 82 -15.72 12.11 -9.88
N LYS A 83 -16.96 12.59 -9.97
CA LYS A 83 -17.69 12.57 -11.22
C LYS A 83 -18.09 13.95 -11.79
N ALA A 84 -18.09 14.04 -13.12
CA ALA A 84 -18.67 15.18 -13.82
C ALA A 84 -19.92 14.67 -14.47
N PHE A 85 -20.96 15.50 -14.47
CA PHE A 85 -22.25 15.15 -15.01
C PHE A 85 -22.70 16.16 -16.05
N LYS A 86 -23.19 15.66 -17.19
CA LYS A 86 -23.73 16.51 -18.27
C LYS A 86 -25.25 16.55 -18.23
N GLY A 87 -25.83 17.71 -17.95
CA GLY A 87 -27.28 17.88 -17.98
C GLY A 87 -27.83 18.03 -19.41
N LYS A 88 -29.15 18.07 -19.54
CA LYS A 88 -29.79 18.16 -20.86
C LYS A 88 -29.32 19.37 -21.70
N ASP A 89 -29.06 20.50 -21.05
CA ASP A 89 -28.58 21.68 -21.76
C ASP A 89 -27.10 21.59 -22.16
N GLN A 90 -26.51 20.39 -22.06
CA GLN A 90 -25.08 20.17 -22.38
C GLN A 90 -24.08 20.85 -21.42
N GLN A 91 -24.56 21.38 -20.30
CA GLN A 91 -23.69 21.93 -19.28
C GLN A 91 -23.14 20.77 -18.40
N VAL A 92 -21.82 20.74 -18.26
CA VAL A 92 -21.14 19.74 -17.46
C VAL A 92 -20.82 20.33 -16.11
N ARG A 93 -21.05 19.57 -15.06
CA ARG A 93 -20.77 20.04 -13.69
C ARG A 93 -20.12 18.94 -12.84
N LEU A 94 -19.17 19.34 -11.99
CA LEU A 94 -18.54 18.43 -11.03
C LEU A 94 -19.32 18.42 -9.73
N PHE A 95 -19.51 17.24 -9.16
CA PHE A 95 -20.20 17.08 -7.86
C PHE A 95 -19.25 17.24 -6.68
N ARG A 96 -19.47 18.28 -5.88
CA ARG A 96 -18.69 18.63 -4.68
C ARG A 96 -17.18 18.38 -4.76
N PRO A 97 -16.55 18.82 -5.86
CA PRO A 97 -15.11 18.57 -6.05
C PRO A 97 -14.22 19.13 -4.96
N TRP A 98 -14.67 20.19 -4.28
CA TRP A 98 -13.88 20.79 -3.22
C TRP A 98 -13.51 19.76 -2.16
N LEU A 99 -14.46 18.88 -1.83
CA LEU A 99 -14.24 17.87 -0.80
C LEU A 99 -13.20 16.82 -1.23
N ASN A 100 -13.15 16.48 -2.52
CA ASN A 100 -12.12 15.58 -3.03
C ASN A 100 -10.75 16.23 -2.99
N MET A 101 -10.71 17.53 -3.29
CA MET A 101 -9.47 18.27 -3.21
C MET A 101 -8.98 18.30 -1.76
N ASP A 102 -9.90 18.55 -0.83
CA ASP A 102 -9.54 18.54 0.59
C ASP A 102 -8.95 17.18 0.98
N ARG A 103 -9.62 16.12 0.53
CA ARG A 103 -9.23 14.76 0.93
C ARG A 103 -7.91 14.39 0.29
N MET A 104 -7.70 14.82 -0.96
CA MET A 104 -6.47 14.51 -1.65
C MET A 104 -5.27 15.14 -0.92
N LEU A 105 -5.46 16.35 -0.42
CA LEU A 105 -4.38 17.03 0.25
C LEU A 105 -4.07 16.36 1.60
N ARG A 106 -5.10 15.86 2.31
CA ARG A 106 -4.85 15.09 3.53
C ARG A 106 -4.03 13.80 3.25
N SER A 107 -4.46 13.04 2.25
CA SER A 107 -3.70 11.88 1.80
C SER A 107 -2.23 12.27 1.54
N ALA A 108 -2.02 13.35 0.79
CA ALA A 108 -0.67 13.81 0.46
C ALA A 108 0.16 14.06 1.69
N MET A 109 -0.40 14.77 2.67
CA MET A 109 0.31 15.05 3.89
C MET A 109 0.62 13.75 4.67
N ARG A 110 -0.31 12.81 4.68
CA ARG A 110 -0.05 11.54 5.37
C ARG A 110 1.13 10.76 4.77
N LEU A 111 1.38 10.90 3.47
CA LEU A 111 2.50 10.20 2.79
C LEU A 111 3.73 11.09 2.54
N CYS A 112 3.76 12.28 3.15
CA CYS A 112 4.89 13.18 3.03
C CYS A 112 5.16 13.52 1.58
N LEU A 113 4.08 13.59 0.80
CA LEU A 113 4.13 14.00 -0.57
C LEU A 113 3.85 15.50 -0.63
N PRO A 114 4.22 16.16 -1.73
CA PRO A 114 4.14 17.63 -1.74
C PRO A 114 2.74 18.22 -1.74
N SER A 115 2.56 19.23 -0.91
CA SER A 115 1.37 20.05 -0.91
C SER A 115 1.17 20.80 -2.22
N PHE A 116 -0.08 21.15 -2.47
CA PHE A 116 -0.48 21.94 -3.63
C PHE A 116 -1.72 22.79 -3.32
N ASP A 117 -2.05 23.71 -4.22
CA ASP A 117 -3.23 24.57 -4.00
C ASP A 117 -4.46 23.91 -4.56
N LYS A 118 -5.42 23.62 -3.69
CA LYS A 118 -6.66 22.93 -4.07
C LYS A 118 -7.46 23.59 -5.17
N LEU A 119 -7.56 24.91 -5.11
CA LEU A 119 -8.29 25.68 -6.14
C LEU A 119 -7.51 25.75 -7.45
N GLU A 120 -6.17 25.75 -7.39
CA GLU A 120 -5.38 25.64 -8.62
C GLU A 120 -5.54 24.27 -9.26
N LEU A 121 -5.44 23.18 -8.47
CA LEU A 121 -5.70 21.84 -9.04
C LEU A 121 -7.11 21.72 -9.62
N LEU A 122 -8.10 22.23 -8.88
CA LEU A 122 -9.49 22.18 -9.35
C LEU A 122 -9.63 22.89 -10.71
N GLU A 123 -9.02 24.07 -10.86
CA GLU A 123 -9.08 24.80 -12.13
C GLU A 123 -8.39 24.02 -13.24
N CYS A 124 -7.20 23.46 -12.94
CA CYS A 124 -6.53 22.63 -13.95
C CYS A 124 -7.42 21.46 -14.34
N ILE A 125 -8.14 20.89 -13.37
CA ILE A 125 -9.04 19.77 -13.68
C ILE A 125 -10.23 20.25 -14.51
N ARG A 126 -10.83 21.37 -14.14
CA ARG A 126 -11.90 21.97 -14.95
C ARG A 126 -11.42 22.14 -16.40
N ARG A 127 -10.26 22.77 -16.54
CA ARG A 127 -9.68 22.99 -17.88
C ARG A 127 -9.47 21.68 -18.62
N LEU A 128 -9.14 20.62 -17.89
CA LEU A 128 -8.92 19.30 -18.52
C LEU A 128 -10.21 18.71 -19.05
N ILE A 129 -11.27 18.86 -18.26
CA ILE A 129 -12.58 18.31 -18.63
C ILE A 129 -13.15 19.11 -19.80
N GLU A 130 -12.90 20.42 -19.78
CA GLU A 130 -13.34 21.29 -20.86
C GLU A 130 -12.73 20.80 -22.16
N VAL A 131 -11.45 20.48 -22.14
CA VAL A 131 -10.81 20.00 -23.38
C VAL A 131 -11.47 18.74 -23.91
N ASP A 132 -11.77 17.79 -23.02
CA ASP A 132 -12.43 16.54 -23.41
C ASP A 132 -13.93 16.53 -23.11
N LYS A 133 -14.57 17.70 -23.15
CA LYS A 133 -16.03 17.82 -22.85
C LYS A 133 -16.91 16.88 -23.68
N ASP A 134 -16.56 16.63 -24.93
CA ASP A 134 -17.36 15.72 -25.76
C ASP A 134 -17.28 14.25 -25.35
N TRP A 135 -16.30 13.90 -24.51
CA TRP A 135 -16.24 12.57 -23.93
C TRP A 135 -17.25 12.38 -22.80
N VAL A 136 -17.78 13.46 -22.23
CA VAL A 136 -18.77 13.32 -21.17
C VAL A 136 -20.09 12.84 -21.76
N PRO A 137 -20.52 11.62 -21.40
CA PRO A 137 -21.78 11.13 -21.96
C PRO A 137 -22.97 11.86 -21.35
N ASP A 138 -24.16 11.70 -21.94
CA ASP A 138 -25.36 12.32 -21.37
C ASP A 138 -26.59 11.42 -21.26
N ALA A 139 -26.47 10.16 -21.65
CA ALA A 139 -27.56 9.22 -21.39
C ALA A 139 -27.75 9.12 -19.86
N ALA A 140 -28.93 8.66 -19.44
CA ALA A 140 -29.29 8.58 -18.01
C ALA A 140 -28.35 7.64 -17.28
N GLY A 141 -28.01 8.00 -16.05
CA GLY A 141 -27.11 7.21 -15.21
C GLY A 141 -25.66 7.15 -15.67
N THR A 142 -25.28 8.02 -16.62
CA THR A 142 -23.89 8.08 -17.12
C THR A 142 -23.21 9.35 -16.61
N SER A 143 -21.89 9.34 -16.65
CA SER A 143 -21.10 10.43 -16.11
C SER A 143 -19.68 10.29 -16.59
N LEU A 144 -18.84 11.24 -16.19
CA LEU A 144 -17.40 11.18 -16.43
C LEU A 144 -16.67 11.01 -15.10
N TYR A 145 -15.95 9.91 -14.97
CA TYR A 145 -15.18 9.59 -13.76
C TYR A 145 -13.79 10.21 -13.90
N VAL A 146 -13.42 10.99 -12.90
CA VAL A 146 -12.21 11.74 -12.85
C VAL A 146 -11.29 11.15 -11.75
N ARG A 147 -10.07 10.80 -12.17
CA ARG A 147 -9.10 10.08 -11.32
C ARG A 147 -7.79 10.84 -11.19
N PRO A 148 -7.69 11.72 -10.18
CA PRO A 148 -6.39 12.32 -9.88
C PRO A 148 -5.53 11.34 -9.11
N VAL A 149 -4.21 11.48 -9.28
CA VAL A 149 -3.23 10.60 -8.67
C VAL A 149 -2.06 11.45 -8.32
N LEU A 150 -1.45 11.15 -7.18
CA LEU A 150 -0.21 11.77 -6.75
C LEU A 150 0.72 10.66 -6.24
N ILE A 151 1.88 10.54 -6.86
CA ILE A 151 2.87 9.51 -6.52
C ILE A 151 4.25 10.12 -6.22
N GLY A 152 4.96 9.49 -5.29
CA GLY A 152 6.36 9.78 -5.02
C GLY A 152 7.12 9.20 -6.20
N ASN A 153 8.26 9.80 -6.50
CA ASN A 153 9.04 9.40 -7.66
C ASN A 153 10.53 9.51 -7.38
N GLU A 154 10.92 9.12 -6.18
CA GLU A 154 12.31 9.16 -5.77
C GLU A 154 13.03 7.94 -6.35
N PRO A 155 14.07 8.15 -7.17
CA PRO A 155 14.84 7.04 -7.69
C PRO A 155 15.84 6.50 -6.63
N SER A 156 15.32 6.09 -5.48
CA SER A 156 16.17 5.67 -4.38
C SER A 156 15.50 4.60 -3.56
N LEU A 157 16.25 3.57 -3.17
CA LEU A 157 15.69 2.41 -2.46
C LEU A 157 15.60 2.58 -0.96
N GLY A 158 15.98 3.74 -0.45
CA GLY A 158 15.82 4.00 0.98
C GLY A 158 14.38 4.44 1.22
N VAL A 159 13.82 4.04 2.36
CA VAL A 159 12.46 4.41 2.72
C VAL A 159 12.51 5.81 3.29
N SER A 160 12.09 6.80 2.51
CA SER A 160 12.29 8.19 2.91
C SER A 160 11.32 9.14 2.21
N GLN A 161 11.32 10.40 2.63
CA GLN A 161 10.46 11.42 2.03
C GLN A 161 10.99 11.74 0.65
N PRO A 162 10.14 11.61 -0.38
CA PRO A 162 10.64 11.84 -1.71
C PRO A 162 10.93 13.32 -1.96
N THR A 163 11.90 13.55 -2.83
CA THR A 163 12.32 14.86 -3.29
C THR A 163 11.75 15.12 -4.70
N ARG A 164 11.06 14.11 -5.24
CA ARG A 164 10.41 14.16 -6.56
C ARG A 164 9.04 13.52 -6.50
N ALA A 165 8.06 14.11 -7.18
CA ALA A 165 6.72 13.56 -7.21
C ALA A 165 6.05 13.80 -8.56
N LEU A 166 4.90 13.19 -8.74
CA LEU A 166 4.16 13.31 -9.98
C LEU A 166 2.67 13.34 -9.66
N LEU A 167 2.00 14.38 -10.15
CA LEU A 167 0.56 14.53 -10.05
C LEU A 167 0.00 14.45 -11.45
N PHE A 168 -0.98 13.55 -11.63
CA PHE A 168 -1.65 13.41 -12.89
C PHE A 168 -3.13 13.11 -12.73
N VAL A 169 -3.88 13.29 -13.81
CA VAL A 169 -5.33 13.09 -13.77
C VAL A 169 -5.76 12.49 -15.08
N ILE A 170 -6.53 11.41 -15.01
CA ILE A 170 -7.07 10.80 -16.19
C ILE A 170 -8.60 10.70 -16.07
N LEU A 171 -9.26 10.48 -17.19
CA LEU A 171 -10.72 10.56 -17.24
C LEU A 171 -11.28 9.36 -17.93
N CYS A 172 -12.45 8.90 -17.47
CA CYS A 172 -13.16 7.78 -18.13
C CYS A 172 -14.64 8.09 -18.22
N PRO A 173 -15.25 7.86 -19.40
CA PRO A 173 -16.72 7.93 -19.43
C PRO A 173 -17.26 6.66 -18.79
N VAL A 174 -18.27 6.77 -17.94
CA VAL A 174 -18.81 5.59 -17.29
C VAL A 174 -20.33 5.55 -17.32
N GLY A 175 -20.87 4.38 -16.97
CA GLY A 175 -22.31 4.17 -16.79
C GLY A 175 -22.47 3.75 -15.33
N ALA A 176 -23.19 2.65 -15.09
CA ALA A 176 -23.33 2.12 -13.72
C ALA A 176 -22.15 1.19 -13.42
N TYR A 177 -21.85 0.98 -12.14
CA TYR A 177 -20.74 0.09 -11.79
C TYR A 177 -21.08 -1.39 -12.10
N PHE A 178 -22.22 -1.85 -11.59
CA PHE A 178 -22.75 -3.19 -11.90
C PHE A 178 -23.83 -3.04 -13.00
N PRO A 179 -24.12 -4.12 -13.77
CA PRO A 179 -25.14 -4.03 -14.83
C PRO A 179 -26.50 -3.47 -14.39
N VAL A 183 -29.47 -0.41 -9.45
CA VAL A 183 -30.28 -0.69 -8.25
C VAL A 183 -30.79 -2.14 -8.23
N THR A 184 -29.98 -3.06 -8.75
CA THR A 184 -30.12 -4.48 -8.43
C THR A 184 -29.31 -4.60 -7.14
N PRO A 185 -29.89 -5.19 -6.10
CA PRO A 185 -29.14 -5.26 -4.86
C PRO A 185 -27.97 -6.23 -4.95
N VAL A 186 -27.05 -6.12 -4.01
CA VAL A 186 -25.86 -6.98 -3.95
C VAL A 186 -25.86 -7.83 -2.67
N SER A 187 -25.12 -8.95 -2.68
CA SER A 187 -24.92 -9.78 -1.49
C SER A 187 -23.51 -9.54 -0.96
N LEU A 188 -23.31 -9.68 0.35
CA LEU A 188 -22.02 -9.42 0.97
C LEU A 188 -21.50 -10.60 1.78
N LEU A 189 -20.20 -10.80 1.71
CA LEU A 189 -19.49 -11.76 2.53
C LEU A 189 -19.01 -11.01 3.76
N ALA A 190 -19.45 -11.43 4.94
CA ALA A 190 -19.01 -10.83 6.21
C ALA A 190 -18.30 -11.88 7.05
N ASP A 191 -16.98 -11.91 6.95
CA ASP A 191 -16.17 -12.80 7.76
C ASP A 191 -15.11 -12.02 8.57
N PRO A 192 -15.15 -12.16 9.92
CA PRO A 192 -14.22 -11.40 10.80
C PRO A 192 -12.74 -11.66 10.61
N ALA A 193 -12.38 -12.68 9.82
CA ALA A 193 -10.99 -12.99 9.49
C ALA A 193 -10.30 -11.89 8.68
N PHE A 194 -11.11 -11.12 7.98
CA PHE A 194 -10.61 -10.13 7.04
C PHE A 194 -10.62 -8.75 7.70
N ILE A 195 -9.48 -8.11 7.74
CA ILE A 195 -9.34 -6.76 8.34
C ILE A 195 -8.76 -5.74 7.32
N ARG A 196 -9.59 -4.80 6.92
CA ARG A 196 -9.26 -3.81 5.90
C ARG A 196 -8.39 -2.71 6.47
N ALA A 197 -8.66 -2.35 7.73
CA ALA A 197 -7.98 -1.24 8.39
C ALA A 197 -8.10 -1.29 9.92
N TRP A 198 -7.25 -0.55 10.60
CA TRP A 198 -7.22 -0.56 12.08
C TRP A 198 -6.98 0.84 12.61
N VAL A 199 -7.42 1.04 13.85
CA VAL A 199 -7.24 2.32 14.55
C VAL A 199 -5.75 2.54 14.72
N GLY A 200 -5.25 3.69 14.25
CA GLY A 200 -3.82 3.98 14.26
C GLY A 200 -3.13 3.67 12.93
N GLY A 201 -3.90 3.19 11.95
CA GLY A 201 -3.43 2.86 10.61
C GLY A 201 -3.76 3.98 9.63
N VAL A 202 -4.06 3.62 8.38
CA VAL A 202 -4.29 4.62 7.34
C VAL A 202 -5.51 4.37 6.51
N GLY A 203 -6.48 3.64 7.11
CA GLY A 203 -7.73 3.30 6.45
C GLY A 203 -8.61 4.48 6.12
N ASN A 204 -8.40 5.58 6.83
CA ASN A 204 -9.18 6.80 6.62
C ASN A 204 -8.54 7.76 5.58
N TYR A 205 -7.64 7.23 4.75
CA TYR A 205 -6.99 8.01 3.70
C TYR A 205 -7.13 7.15 2.45
N LYS A 206 -7.20 7.80 1.30
CA LYS A 206 -7.43 7.08 0.04
C LYS A 206 -6.07 6.85 -0.60
N LEU A 207 -5.35 5.91 0.00
CA LEU A 207 -3.99 5.59 -0.38
C LEU A 207 -4.00 4.24 -1.07
N GLY A 208 -3.26 4.13 -2.16
CA GLY A 208 -3.20 2.87 -2.91
C GLY A 208 -3.01 1.61 -2.07
N GLY A 209 -2.15 1.68 -1.06
CA GLY A 209 -1.88 0.57 -0.15
C GLY A 209 -3.06 -0.08 0.56
N ASN A 210 -4.18 0.62 0.69
CA ASN A 210 -5.36 0.02 1.30
C ASN A 210 -6.12 -0.93 0.36
N TYR A 211 -5.90 -0.85 -0.94
CA TYR A 211 -6.73 -1.61 -1.89
C TYR A 211 -6.14 -2.96 -2.32
N GLY A 212 -4.84 -2.98 -2.54
CA GLY A 212 -4.16 -4.20 -3.02
C GLY A 212 -4.44 -5.44 -2.20
N PRO A 213 -4.38 -5.32 -0.88
CA PRO A 213 -4.68 -6.44 -0.01
C PRO A 213 -6.13 -6.93 -0.05
N THR A 214 -7.06 -6.11 -0.55
CA THR A 214 -8.45 -6.55 -0.66
C THR A 214 -8.77 -7.44 -1.86
N VAL A 215 -7.91 -7.46 -2.86
CA VAL A 215 -8.19 -8.23 -4.09
C VAL A 215 -8.42 -9.70 -3.76
N LEU A 216 -7.54 -10.27 -2.95
CA LEU A 216 -7.68 -11.67 -2.57
C LEU A 216 -8.98 -11.92 -1.80
N VAL A 217 -9.36 -10.98 -0.94
CA VAL A 217 -10.56 -11.14 -0.13
C VAL A 217 -11.82 -11.04 -1.00
N GLN A 218 -11.79 -10.17 -2.01
CA GLN A 218 -12.89 -10.04 -2.96
C GLN A 218 -13.02 -11.32 -3.78
N GLN A 219 -11.92 -12.00 -4.06
CA GLN A 219 -11.97 -13.34 -4.72
CA GLN A 219 -12.02 -13.30 -4.76
C GLN A 219 -12.67 -14.37 -3.86
N GLU A 220 -12.42 -14.31 -2.56
CA GLU A 220 -13.05 -15.26 -1.63
C GLU A 220 -14.57 -14.98 -1.49
N ALA A 221 -14.97 -13.71 -1.59
CA ALA A 221 -16.37 -13.33 -1.62
C ALA A 221 -17.05 -13.93 -2.87
N LEU A 222 -16.41 -13.81 -4.02
CA LEU A 222 -16.92 -14.44 -5.27
C LEU A 222 -17.02 -15.95 -5.06
N LYS A 223 -15.90 -16.60 -4.79
CA LYS A 223 -15.90 -18.04 -4.52
C LYS A 223 -17.01 -18.47 -3.53
N ARG A 224 -17.34 -17.68 -2.51
CA ARG A 224 -18.42 -18.09 -1.60
C ARG A 224 -19.84 -17.61 -2.00
N GLY A 225 -19.99 -17.12 -3.24
CA GLY A 225 -21.29 -16.74 -3.76
C GLY A 225 -21.74 -15.31 -3.52
N CYS A 226 -20.85 -14.45 -3.02
CA CYS A 226 -21.18 -13.06 -2.71
C CYS A 226 -20.53 -12.12 -3.70
N GLU A 227 -20.98 -10.88 -3.74
CA GLU A 227 -20.50 -9.92 -4.71
C GLU A 227 -19.53 -8.88 -4.17
N GLN A 228 -19.62 -8.57 -2.89
CA GLN A 228 -18.75 -7.58 -2.27
C GLN A 228 -18.40 -8.05 -0.88
N VAL A 229 -17.38 -7.44 -0.31
CA VAL A 229 -16.94 -7.73 1.04
C VAL A 229 -17.48 -6.75 2.06
N LEU A 230 -18.17 -7.24 3.08
CA LEU A 230 -18.54 -6.43 4.24
C LEU A 230 -17.40 -6.51 5.28
N TRP A 231 -16.61 -5.44 5.37
CA TRP A 231 -15.44 -5.38 6.24
C TRP A 231 -15.83 -5.19 7.69
N LEU A 232 -15.44 -6.14 8.51
CA LEU A 232 -15.76 -6.17 9.94
C LEU A 232 -14.52 -5.84 10.77
N TYR A 233 -14.73 -5.18 11.90
CA TYR A 233 -13.63 -4.79 12.75
C TYR A 233 -13.96 -4.95 14.21
N GLY A 234 -12.97 -5.33 15.01
CA GLY A 234 -13.13 -5.36 16.45
C GLY A 234 -13.78 -6.61 17.00
N PRO A 235 -13.61 -6.85 18.32
CA PRO A 235 -14.18 -8.01 19.01
C PRO A 235 -15.68 -8.14 18.78
N ASP A 236 -16.37 -7.00 18.79
CA ASP A 236 -17.81 -6.91 18.54
C ASP A 236 -18.23 -6.91 17.04
N HIS A 237 -17.34 -7.29 16.12
CA HIS A 237 -17.68 -7.35 14.69
C HIS A 237 -18.44 -6.12 14.18
N GLN A 238 -17.78 -4.97 14.27
CA GLN A 238 -18.35 -3.75 13.76
C GLN A 238 -18.43 -3.77 12.24
N LEU A 239 -19.57 -3.37 11.71
CA LEU A 239 -19.74 -3.18 10.26
C LEU A 239 -19.07 -1.86 9.90
N THR A 240 -18.02 -1.90 9.08
CA THR A 240 -17.29 -0.66 8.77
C THR A 240 -17.60 -0.11 7.39
N GLU A 241 -17.26 -0.90 6.38
CA GLU A 241 -17.34 -0.52 4.97
C GLU A 241 -17.74 -1.71 4.12
N VAL A 242 -18.29 -1.43 2.95
CA VAL A 242 -18.66 -2.47 1.98
C VAL A 242 -17.83 -2.28 0.75
N GLY A 243 -16.89 -3.19 0.50
CA GLY A 243 -16.00 -3.07 -0.64
C GLY A 243 -15.27 -1.75 -0.53
N THR A 244 -15.43 -0.88 -1.53
CA THR A 244 -14.86 0.47 -1.48
C THR A 244 -15.98 1.52 -1.20
N MET A 245 -17.04 1.11 -0.50
CA MET A 245 -18.19 1.99 -0.22
C MET A 245 -18.43 2.08 1.27
N ASN A 246 -19.01 3.20 1.70
CA ASN A 246 -19.43 3.35 3.11
C ASN A 246 -20.76 2.62 3.28
N ILE A 247 -21.09 2.25 4.50
CA ILE A 247 -22.33 1.53 4.74
C ILE A 247 -23.34 2.34 5.58
N PHE A 248 -24.63 2.21 5.22
CA PHE A 248 -25.75 2.83 5.92
C PHE A 248 -26.80 1.79 6.31
N VAL A 249 -27.46 2.03 7.44
CA VAL A 249 -28.58 1.24 7.86
C VAL A 249 -29.74 2.18 8.20
N TYR A 250 -30.90 1.89 7.61
CA TYR A 250 -32.14 2.59 7.87
C TYR A 250 -32.97 1.56 8.62
N TRP A 251 -33.16 1.80 9.91
CA TRP A 251 -33.92 0.88 10.75
C TRP A 251 -34.66 1.60 11.85
N THR A 252 -35.42 0.83 12.62
CA THR A 252 -35.99 1.34 13.87
C THR A 252 -35.06 0.84 14.93
N HIS A 253 -34.42 1.76 15.65
CA HIS A 253 -33.40 1.34 16.60
C HIS A 253 -34.01 0.64 17.83
N GLU A 254 -33.16 0.19 18.75
CA GLU A 254 -33.54 -0.51 19.99
C GLU A 254 -34.32 0.36 20.97
N ASP A 255 -34.13 1.67 20.89
CA ASP A 255 -34.90 2.63 21.67
C ASP A 255 -36.24 2.96 20.97
N GLY A 256 -36.65 2.14 20.00
CA GLY A 256 -37.88 2.39 19.24
C GLY A 256 -37.87 3.56 18.25
N VAL A 257 -36.74 4.25 18.06
CA VAL A 257 -36.70 5.40 17.15
C VAL A 257 -36.21 5.01 15.73
N LEU A 258 -36.84 5.62 14.73
CA LEU A 258 -36.51 5.40 13.32
C LEU A 258 -35.24 6.19 13.04
N GLU A 259 -34.21 5.52 12.55
CA GLU A 259 -32.96 6.22 12.24
C GLU A 259 -32.21 5.64 11.06
N LEU A 260 -31.41 6.54 10.49
CA LEU A 260 -30.39 6.23 9.53
C LEU A 260 -29.07 6.38 10.31
N VAL A 261 -28.30 5.29 10.37
CA VAL A 261 -27.01 5.25 11.03
C VAL A 261 -25.90 4.82 10.04
N THR A 262 -24.72 5.40 10.18
CA THR A 262 -23.52 5.01 9.42
C THR A 262 -22.35 5.06 10.42
N PRO A 263 -21.33 4.17 10.28
CA PRO A 263 -20.22 4.22 11.23
C PRO A 263 -19.52 5.58 11.31
N PRO A 264 -19.04 5.96 12.51
CA PRO A 264 -18.41 7.27 12.69
C PRO A 264 -16.98 7.30 12.17
N LEU A 265 -16.47 8.51 11.90
CA LEU A 265 -15.11 8.67 11.39
C LEU A 265 -14.08 8.56 12.51
N ASN A 266 -13.87 7.35 13.02
CA ASN A 266 -12.94 7.11 14.13
C ASN A 266 -11.59 6.51 13.75
N GLY A 267 -11.26 6.55 12.45
CA GLY A 267 -9.96 6.04 11.98
C GLY A 267 -10.02 4.90 10.96
N VAL A 268 -11.03 4.03 11.05
CA VAL A 268 -11.12 2.91 10.11
C VAL A 268 -12.12 3.12 8.98
N ILE A 269 -12.68 4.32 8.89
CA ILE A 269 -13.68 4.64 7.90
C ILE A 269 -13.12 5.70 6.97
N LEU A 270 -13.23 5.44 5.67
CA LEU A 270 -12.86 6.42 4.67
C LEU A 270 -14.02 7.42 4.61
N PRO A 271 -13.73 8.71 4.82
CA PRO A 271 -14.83 9.70 4.80
C PRO A 271 -15.27 10.00 3.38
N GLY A 272 -16.25 9.22 2.92
CA GLY A 272 -16.79 9.42 1.59
C GLY A 272 -17.51 10.75 1.40
N VAL A 273 -17.42 11.26 0.18
CA VAL A 273 -18.16 12.42 -0.23
C VAL A 273 -19.63 12.05 -0.37
N VAL A 274 -19.92 10.87 -0.90
CA VAL A 274 -21.32 10.52 -1.06
C VAL A 274 -21.89 10.34 0.34
N ARG A 275 -21.14 9.66 1.23
CA ARG A 275 -21.53 9.50 2.65
C ARG A 275 -21.92 10.82 3.28
N GLN A 276 -21.02 11.79 3.19
CA GLN A 276 -21.27 13.05 3.82
C GLN A 276 -22.50 13.69 3.26
N SER A 277 -22.70 13.54 1.97
CA SER A 277 -23.83 14.12 1.28
C SER A 277 -25.15 13.47 1.68
N LEU A 278 -25.13 12.16 1.90
CA LEU A 278 -26.33 11.47 2.31
C LEU A 278 -26.73 11.91 3.72
N LEU A 279 -25.73 12.07 4.61
CA LEU A 279 -25.98 12.60 5.95
C LEU A 279 -26.52 14.03 5.86
N ASP A 280 -25.88 14.87 5.07
CA ASP A 280 -26.33 16.24 4.93
C ASP A 280 -27.81 16.30 4.45
N MET A 281 -28.14 15.49 3.47
CA MET A 281 -29.48 15.48 2.90
C MET A 281 -30.50 14.99 3.93
N ALA A 282 -30.23 13.85 4.57
CA ALA A 282 -31.17 13.32 5.53
C ALA A 282 -31.33 14.27 6.72
N GLN A 283 -30.22 14.83 7.20
CA GLN A 283 -30.25 15.77 8.33
C GLN A 283 -31.11 16.98 7.96
N THR A 284 -30.91 17.53 6.77
CA THR A 284 -31.72 18.63 6.30
C THR A 284 -33.23 18.30 6.24
N TRP A 285 -33.63 17.06 5.92
CA TRP A 285 -35.07 16.76 5.88
C TRP A 285 -35.72 16.88 7.24
N GLY A 286 -35.04 16.43 8.28
CA GLY A 286 -35.58 16.49 9.63
C GLY A 286 -36.76 15.59 9.87
N GLU A 287 -36.85 14.48 9.12
CA GLU A 287 -38.00 13.59 9.27
C GLU A 287 -37.71 12.39 10.16
N PHE A 288 -36.43 12.12 10.39
CA PHE A 288 -36.02 11.02 11.23
C PHE A 288 -34.63 11.27 11.79
N ARG A 289 -34.26 10.46 12.75
CA ARG A 289 -32.96 10.57 13.38
C ARG A 289 -31.83 10.12 12.44
N VAL A 290 -30.79 10.95 12.34
CA VAL A 290 -29.63 10.68 11.51
C VAL A 290 -28.41 10.71 12.43
N VAL A 291 -27.75 9.57 12.62
CA VAL A 291 -26.58 9.51 13.50
C VAL A 291 -25.36 8.84 12.89
N GLU A 292 -24.19 9.22 13.41
CA GLU A 292 -22.96 8.47 13.20
C GLU A 292 -22.70 7.69 14.49
N ARG A 293 -22.77 6.37 14.38
CA ARG A 293 -22.56 5.48 15.49
C ARG A 293 -22.13 4.14 14.94
N THR A 294 -21.32 3.46 15.73
CA THR A 294 -20.88 2.08 15.50
C THR A 294 -22.10 1.19 15.29
N ILE A 295 -21.94 0.19 14.44
CA ILE A 295 -23.01 -0.74 14.13
C ILE A 295 -22.38 -2.11 14.24
N THR A 296 -22.96 -3.00 15.04
CA THR A 296 -22.39 -4.35 15.21
C THR A 296 -23.23 -5.41 14.57
N MET A 297 -22.64 -6.58 14.29
CA MET A 297 -23.42 -7.70 13.73
C MET A 297 -24.52 -8.15 14.70
N LYS A 298 -24.18 -8.24 15.99
CA LYS A 298 -25.15 -8.59 17.03
C LYS A 298 -26.37 -7.69 16.93
N GLN A 299 -26.16 -6.38 16.84
CA GLN A 299 -27.26 -5.45 16.65
C GLN A 299 -28.05 -5.74 15.34
N LEU A 300 -27.37 -6.02 14.24
CA LEU A 300 -28.06 -6.27 12.97
C LEU A 300 -28.89 -7.55 13.04
N LEU A 301 -28.24 -8.63 13.49
CA LEU A 301 -28.90 -9.93 13.64
C LEU A 301 -30.19 -9.75 14.41
N ARG A 302 -30.12 -9.05 15.55
CA ARG A 302 -31.30 -8.86 16.37
C ARG A 302 -32.34 -8.01 15.66
N ALA A 303 -31.92 -6.92 15.03
CA ALA A 303 -32.87 -6.05 14.35
C ALA A 303 -33.58 -6.78 13.19
N LEU A 304 -32.87 -7.69 12.51
CA LEU A 304 -33.47 -8.48 11.42
C LEU A 304 -34.53 -9.47 11.95
N GLU A 305 -34.21 -10.16 13.04
CA GLU A 305 -35.18 -11.13 13.60
C GLU A 305 -36.41 -10.41 14.16
N GLU A 306 -36.26 -9.17 14.59
CA GLU A 306 -37.38 -8.33 15.05
C GLU A 306 -38.01 -7.48 13.94
N GLY A 307 -37.55 -7.68 12.71
CA GLY A 307 -38.11 -6.95 11.58
C GLY A 307 -37.99 -5.45 11.70
N ARG A 308 -36.92 -4.95 12.34
CA ARG A 308 -36.72 -3.49 12.48
C ARG A 308 -35.87 -2.83 11.37
N VAL A 309 -35.21 -3.66 10.56
CA VAL A 309 -34.38 -3.19 9.43
C VAL A 309 -35.24 -2.88 8.21
N ARG A 310 -35.15 -1.66 7.70
CA ARG A 310 -35.82 -1.31 6.46
C ARG A 310 -34.86 -1.52 5.30
N GLU A 311 -33.75 -0.79 5.30
CA GLU A 311 -32.82 -0.78 4.17
C GLU A 311 -31.38 -0.76 4.61
N VAL A 312 -30.54 -1.49 3.86
CA VAL A 312 -29.09 -1.44 4.01
C VAL A 312 -28.49 -1.13 2.62
N PHE A 313 -27.46 -0.29 2.58
CA PHE A 313 -26.88 0.08 1.31
C PHE A 313 -25.49 0.70 1.46
N GLY A 314 -24.70 0.58 0.41
CA GLY A 314 -23.38 1.18 0.38
C GLY A 314 -23.48 2.50 -0.34
N SER A 315 -22.51 3.39 -0.12
CA SER A 315 -22.42 4.64 -0.85
C SER A 315 -20.99 4.88 -1.32
N GLY A 316 -20.85 5.35 -2.54
CA GLY A 316 -19.55 5.70 -3.10
C GLY A 316 -19.69 6.28 -4.48
N THR A 317 -18.68 7.00 -4.95
CA THR A 317 -18.80 7.67 -6.26
C THR A 317 -19.20 6.72 -7.41
N ALA A 318 -18.55 5.57 -7.52
CA ALA A 318 -18.84 4.66 -8.64
C ALA A 318 -20.20 3.99 -8.55
N CYS A 319 -20.71 3.77 -7.35
N CYS A 319 -20.68 3.76 -7.33
CA CYS A 319 -22.02 3.15 -7.22
CA CYS A 319 -21.99 3.17 -7.08
C CYS A 319 -23.08 4.16 -6.82
C CYS A 319 -22.60 3.96 -5.93
N GLN A 320 -22.74 5.00 -5.84
N GLN A 320 -23.21 5.09 -6.32
CA GLN A 320 -23.59 6.10 -5.35
CA GLN A 320 -23.62 6.13 -5.37
C GLN A 320 -24.52 5.66 -4.24
C GLN A 320 -24.54 5.66 -4.24
N VAL A 321 -25.53 4.84 -4.55
CA VAL A 321 -26.43 4.30 -3.51
C VAL A 321 -26.75 2.87 -3.87
N CYS A 322 -25.99 1.94 -3.29
CA CYS A 322 -26.01 0.51 -3.65
C CYS A 322 -26.77 -0.39 -2.68
N PRO A 323 -27.96 -0.82 -3.05
CA PRO A 323 -28.76 -1.62 -2.11
C PRO A 323 -28.18 -3.00 -1.80
N VAL A 324 -28.42 -3.49 -0.60
CA VAL A 324 -27.91 -4.80 -0.19
C VAL A 324 -29.11 -5.70 0.16
N HIS A 325 -29.11 -6.92 -0.36
CA HIS A 325 -30.19 -7.84 -0.11
C HIS A 325 -29.79 -9.06 0.67
N ARG A 326 -28.50 -9.32 0.84
CA ARG A 326 -28.04 -10.52 1.56
C ARG A 326 -26.64 -10.37 2.14
N ILE A 327 -26.44 -10.91 3.34
CA ILE A 327 -25.16 -10.94 4.02
C ILE A 327 -24.86 -12.37 4.51
N LEU A 328 -23.77 -12.95 4.02
CA LEU A 328 -23.33 -14.27 4.47
C LEU A 328 -22.33 -14.08 5.61
N TYR A 329 -22.82 -14.25 6.83
CA TYR A 329 -22.02 -14.11 8.02
C TYR A 329 -21.67 -15.52 8.50
N LYS A 330 -20.41 -15.89 8.31
CA LYS A 330 -19.94 -17.25 8.57
C LYS A 330 -20.80 -18.29 7.78
N ASP A 331 -21.75 -18.97 8.42
CA ASP A 331 -22.66 -19.89 7.71
C ASP A 331 -24.11 -19.40 7.70
N ARG A 332 -24.38 -18.33 8.43
CA ARG A 332 -25.71 -17.78 8.54
C ARG A 332 -25.98 -16.86 7.33
N ASN A 333 -26.86 -17.28 6.45
CA ASN A 333 -27.21 -16.50 5.26
C ASN A 333 -28.37 -15.55 5.60
N LEU A 334 -28.07 -14.27 5.76
CA LEU A 334 -29.06 -13.32 6.25
C LEU A 334 -29.70 -12.58 5.11
N HIS A 335 -31.02 -12.62 5.07
CA HIS A 335 -31.77 -11.91 4.08
C HIS A 335 -31.98 -10.49 4.58
N ILE A 336 -31.60 -9.52 3.76
CA ILE A 336 -31.79 -8.11 4.13
C ILE A 336 -32.97 -7.60 3.29
N PRO A 337 -34.04 -7.08 3.95
CA PRO A 337 -35.28 -6.77 3.19
C PRO A 337 -35.35 -5.39 2.53
N THR A 338 -34.20 -4.88 2.15
CA THR A 338 -34.10 -3.61 1.48
C THR A 338 -35.12 -3.44 0.35
N MET A 339 -35.18 -4.39 -0.58
CA MET A 339 -36.04 -4.25 -1.76
C MET A 339 -37.53 -4.35 -1.46
N GLU A 340 -37.91 -5.10 -0.41
CA GLU A 340 -39.32 -5.17 -0.01
C GLU A 340 -39.77 -3.91 0.73
N ASN A 341 -38.84 -3.03 1.08
CA ASN A 341 -39.18 -1.79 1.76
C ASN A 341 -39.09 -0.58 0.84
N GLY A 342 -39.30 -0.83 -0.45
CA GLY A 342 -39.31 0.20 -1.49
C GLY A 342 -38.30 -0.05 -2.61
N PRO A 343 -37.01 0.25 -2.41
CA PRO A 343 -36.44 0.80 -1.18
C PRO A 343 -36.63 2.29 -1.12
N GLU A 344 -37.53 2.70 -0.25
CA GLU A 344 -37.97 4.06 -0.20
C GLU A 344 -36.88 5.10 0.04
N LEU A 345 -36.03 4.91 1.01
CA LEU A 345 -34.97 5.92 1.28
C LEU A 345 -33.95 5.97 0.15
N ILE A 346 -33.55 4.80 -0.30
CA ILE A 346 -32.61 4.69 -1.41
C ILE A 346 -33.14 5.42 -2.64
N LEU A 347 -34.38 5.15 -3.03
CA LEU A 347 -34.96 5.83 -4.20
C LEU A 347 -35.00 7.34 -4.02
N ARG A 348 -35.32 7.79 -2.80
CA ARG A 348 -35.39 9.21 -2.51
C ARG A 348 -34.00 9.86 -2.61
N PHE A 349 -32.99 9.22 -2.03
CA PHE A 349 -31.63 9.73 -2.16
C PHE A 349 -31.24 9.78 -3.65
N GLN A 350 -31.54 8.72 -4.40
CA GLN A 350 -31.14 8.71 -5.81
C GLN A 350 -31.84 9.80 -6.60
N LYS A 351 -33.10 10.05 -6.27
CA LYS A 351 -33.88 11.02 -7.00
C LYS A 351 -33.32 12.41 -6.75
N GLU A 352 -33.08 12.75 -5.48
CA GLU A 352 -32.53 14.08 -5.18
C GLU A 352 -31.14 14.28 -5.76
N LEU A 353 -30.27 13.29 -5.58
CA LEU A 353 -28.94 13.37 -6.17
C LEU A 353 -28.98 13.59 -7.68
N LYS A 354 -29.84 12.85 -8.38
CA LYS A 354 -30.00 12.98 -9.82
C LYS A 354 -30.39 14.42 -10.18
N GLU A 355 -31.35 14.99 -9.46
CA GLU A 355 -31.81 16.35 -9.74
C GLU A 355 -30.71 17.39 -9.57
N ILE A 356 -29.89 17.20 -8.56
CA ILE A 356 -28.80 18.11 -8.27
C ILE A 356 -27.68 17.88 -9.28
N GLN A 357 -27.34 16.62 -9.51
CA GLN A 357 -26.19 16.30 -10.35
C GLN A 357 -26.36 16.67 -11.83
N TYR A 358 -27.50 16.35 -12.40
CA TYR A 358 -27.76 16.68 -13.80
C TYR A 358 -28.33 18.12 -14.04
N GLY A 359 -28.29 18.95 -13.01
CA GLY A 359 -28.65 20.37 -13.15
C GLY A 359 -30.13 20.70 -13.26
N ILE A 360 -30.98 19.73 -12.97
CA ILE A 360 -32.42 19.92 -13.00
C ILE A 360 -32.82 20.99 -12.00
N ARG A 361 -32.05 21.07 -10.91
CA ARG A 361 -32.31 21.96 -9.81
C ARG A 361 -30.96 22.53 -9.33
N ALA A 362 -30.73 23.82 -9.59
CA ALA A 362 -29.46 24.48 -9.26
C ALA A 362 -29.10 24.33 -7.78
N HIS A 363 -27.81 24.16 -7.50
CA HIS A 363 -27.39 23.85 -6.14
C HIS A 363 -25.91 24.20 -5.91
N GLU A 364 -25.61 24.69 -4.70
CA GLU A 364 -24.24 25.02 -4.27
C GLU A 364 -23.23 23.84 -4.36
N TRP A 365 -23.72 22.61 -4.52
CA TRP A 365 -22.89 21.40 -4.57
C TRP A 365 -22.26 21.18 -5.92
N MET A 366 -22.83 21.76 -6.97
CA MET A 366 -22.30 21.59 -8.30
C MET A 366 -21.34 22.72 -8.72
N PHE A 367 -20.24 22.31 -9.35
CA PHE A 367 -19.18 23.20 -9.81
C PHE A 367 -19.24 23.10 -11.33
N PRO A 368 -19.62 24.22 -12.00
CA PRO A 368 -19.76 24.10 -13.44
C PRO A 368 -18.40 24.07 -14.12
N VAL A 369 -18.34 23.35 -15.24
CA VAL A 369 -17.14 23.29 -16.06
C VAL A 369 -17.27 24.27 -17.22
N SER B 6 0.86 -21.74 -12.61
CA SER B 6 0.93 -22.02 -14.09
C SER B 6 2.37 -21.97 -14.61
N SER B 7 2.54 -21.94 -15.94
CA SER B 7 3.85 -22.02 -16.57
C SER B 7 4.73 -20.80 -16.34
N SER B 8 5.78 -21.00 -15.57
CA SER B 8 6.77 -19.97 -15.25
C SER B 8 7.67 -19.67 -16.43
N PHE B 9 8.31 -18.50 -16.41
CA PHE B 9 9.37 -18.19 -17.34
C PHE B 9 10.53 -19.14 -17.00
N LYS B 10 11.50 -19.23 -17.92
CA LYS B 10 12.61 -20.17 -17.77
C LYS B 10 13.92 -19.45 -18.01
N ALA B 11 14.90 -19.71 -17.15
CA ALA B 11 16.22 -19.11 -17.33
C ALA B 11 16.88 -19.59 -18.63
N ALA B 12 16.48 -20.75 -19.14
CA ALA B 12 16.98 -21.22 -20.44
C ALA B 12 16.62 -20.26 -21.60
N ASP B 13 15.47 -19.59 -21.49
CA ASP B 13 14.97 -18.71 -22.53
C ASP B 13 15.49 -17.27 -22.40
N LEU B 14 16.39 -17.01 -21.45
CA LEU B 14 16.92 -15.64 -21.27
C LEU B 14 17.36 -15.01 -22.58
N GLN B 15 17.28 -13.69 -22.62
CA GLN B 15 17.68 -12.90 -23.75
C GLN B 15 18.61 -11.87 -23.19
N LEU B 16 19.81 -11.79 -23.73
CA LEU B 16 20.79 -10.83 -23.24
C LEU B 16 20.93 -9.71 -24.25
N GLU B 17 20.96 -8.49 -23.72
CA GLU B 17 21.18 -7.29 -24.50
C GLU B 17 22.10 -6.45 -23.64
N MET B 18 23.37 -6.41 -24.03
CA MET B 18 24.38 -5.67 -23.30
C MET B 18 24.34 -4.17 -23.62
N THR B 19 24.60 -3.36 -22.61
CA THR B 19 24.64 -1.92 -22.75
C THR B 19 25.60 -1.51 -23.87
N GLN B 20 25.28 -0.44 -24.58
CA GLN B 20 26.15 0.05 -25.63
C GLN B 20 27.23 0.91 -24.97
N LYS B 21 26.87 1.65 -23.92
CA LYS B 21 27.84 2.46 -23.19
C LYS B 21 27.75 2.16 -21.70
N PRO B 22 28.65 1.27 -21.20
CA PRO B 22 28.80 0.98 -19.78
C PRO B 22 29.00 2.24 -18.94
N HIS B 23 28.47 2.21 -17.74
CA HIS B 23 28.48 3.35 -16.85
C HIS B 23 29.74 3.29 -15.99
N LYS B 24 30.30 4.44 -15.66
CA LYS B 24 31.52 4.44 -14.85
C LYS B 24 31.21 4.02 -13.42
N LYS B 25 31.88 2.97 -12.94
CA LYS B 25 31.74 2.51 -11.56
C LYS B 25 32.02 3.64 -10.55
N PRO B 26 31.65 3.44 -9.27
CA PRO B 26 31.99 4.42 -8.23
C PRO B 26 33.47 4.38 -7.82
N GLY B 27 33.87 5.30 -6.93
CA GLY B 27 35.26 5.38 -6.44
C GLY B 27 35.46 4.71 -5.10
N PRO B 31 32.47 6.27 -1.06
CA PRO B 31 31.37 6.39 -0.11
C PRO B 31 29.99 6.17 -0.77
N LEU B 32 29.70 4.91 -1.08
CA LEU B 32 28.43 4.48 -1.68
C LEU B 32 27.24 4.72 -0.75
N VAL B 33 26.26 5.53 -1.19
CA VAL B 33 25.05 5.74 -0.40
C VAL B 33 24.02 4.67 -0.75
N PHE B 34 23.41 4.10 0.30
CA PHE B 34 22.48 2.97 0.12
C PHE B 34 21.32 3.27 -0.85
N GLY B 35 21.14 2.36 -1.81
CA GLY B 35 20.06 2.43 -2.77
C GLY B 35 20.00 3.56 -3.78
N LYS B 36 21.12 4.26 -4.03
CA LYS B 36 21.13 5.41 -4.98
C LYS B 36 21.88 5.11 -6.28
N THR B 37 22.88 4.23 -6.22
CA THR B 37 23.72 3.92 -7.37
C THR B 37 23.29 2.59 -7.91
N PHE B 38 23.07 2.53 -9.21
CA PHE B 38 22.56 1.34 -9.85
C PHE B 38 23.51 0.83 -10.91
N THR B 39 23.43 -0.46 -11.23
CA THR B 39 24.38 -1.08 -12.11
C THR B 39 23.93 -0.96 -13.57
N ASP B 40 24.70 -1.55 -14.48
CA ASP B 40 24.45 -1.40 -15.92
C ASP B 40 23.26 -2.19 -16.41
N HIS B 41 22.91 -3.28 -15.76
CA HIS B 41 21.84 -4.14 -16.28
C HIS B 41 20.69 -4.42 -15.31
N MET B 42 19.60 -4.95 -15.85
CA MET B 42 18.41 -5.29 -15.07
C MET B 42 17.76 -6.51 -15.65
N LEU B 43 17.02 -7.23 -14.83
CA LEU B 43 16.19 -8.31 -15.31
C LEU B 43 14.79 -7.72 -15.51
N MET B 44 14.08 -8.21 -16.52
CA MET B 44 12.69 -7.83 -16.77
C MET B 44 11.96 -9.04 -17.28
N VAL B 45 10.78 -9.27 -16.76
CA VAL B 45 9.94 -10.35 -17.24
C VAL B 45 8.49 -9.82 -17.28
N GLU B 46 7.83 -10.02 -18.41
CA GLU B 46 6.44 -9.60 -18.59
C GLU B 46 5.50 -10.79 -18.49
N TRP B 47 4.35 -10.56 -17.86
CA TRP B 47 3.30 -11.55 -17.78
C TRP B 47 1.99 -10.97 -18.33
N ASN B 48 1.21 -11.81 -19.01
CA ASN B 48 -0.12 -11.40 -19.46
C ASN B 48 -1.00 -12.62 -19.65
N ASP B 49 -2.08 -12.49 -20.43
CA ASP B 49 -3.03 -13.59 -20.62
C ASP B 49 -2.43 -14.75 -21.42
N LYS B 50 -1.30 -14.52 -22.07
CA LYS B 50 -0.50 -15.58 -22.70
C LYS B 50 0.58 -16.13 -21.76
N GLY B 51 0.43 -15.90 -20.44
CA GLY B 51 1.39 -16.35 -19.43
C GLY B 51 2.66 -15.52 -19.40
N TRP B 52 3.73 -16.10 -18.87
CA TRP B 52 4.99 -15.36 -18.74
C TRP B 52 5.69 -15.28 -20.07
N GLY B 53 6.31 -14.14 -20.34
CA GLY B 53 7.17 -13.99 -21.51
C GLY B 53 8.57 -14.52 -21.16
N GLN B 54 9.51 -14.31 -22.06
CA GLN B 54 10.87 -14.76 -21.86
C GLN B 54 11.58 -13.74 -20.99
N PRO B 55 12.39 -14.21 -20.04
CA PRO B 55 13.14 -13.22 -19.26
C PRO B 55 14.17 -12.53 -20.11
N ARG B 56 14.60 -11.37 -19.68
CA ARG B 56 15.64 -10.70 -20.39
C ARG B 56 16.46 -9.83 -19.46
N ILE B 57 17.73 -9.71 -19.81
CA ILE B 57 18.65 -8.83 -19.14
C ILE B 57 18.83 -7.71 -20.13
N GLN B 58 18.75 -6.48 -19.66
CA GLN B 58 18.79 -5.34 -20.54
C GLN B 58 19.44 -4.20 -19.80
N PRO B 59 19.88 -3.19 -20.54
CA PRO B 59 20.48 -2.09 -19.82
C PRO B 59 19.51 -1.40 -18.89
N PHE B 60 20.03 -0.86 -17.82
CA PHE B 60 19.22 -0.23 -16.81
C PHE B 60 18.45 0.87 -17.53
N GLN B 61 17.12 0.78 -17.49
CA GLN B 61 16.28 1.73 -18.21
C GLN B 61 14.93 1.93 -17.56
N ASN B 62 14.29 3.04 -17.91
CA ASN B 62 13.02 3.43 -17.33
C ASN B 62 11.93 2.44 -17.69
N LEU B 63 10.92 2.40 -16.85
CA LEU B 63 9.73 1.59 -17.08
C LEU B 63 8.72 2.45 -17.84
N THR B 64 7.95 1.82 -18.72
CA THR B 64 6.89 2.49 -19.42
C THR B 64 5.62 1.85 -18.92
N LEU B 65 4.77 2.64 -18.28
CA LEU B 65 3.52 2.15 -17.69
C LEU B 65 2.30 2.95 -18.14
N HIS B 66 1.22 2.25 -18.39
CA HIS B 66 -0.08 2.89 -18.63
C HIS B 66 -0.45 3.69 -17.39
N PRO B 67 -1.02 4.91 -17.55
CA PRO B 67 -1.33 5.77 -16.40
C PRO B 67 -2.32 5.20 -15.39
N ALA B 68 -3.10 4.23 -15.81
CA ALA B 68 -4.06 3.50 -14.97
C ALA B 68 -3.45 2.24 -14.36
N SER B 69 -2.14 2.04 -14.49
CA SER B 69 -1.50 0.81 -13.99
C SER B 69 -1.90 0.55 -12.56
N SER B 70 -2.39 -0.64 -12.30
CA SER B 70 -2.82 -0.99 -10.97
C SER B 70 -1.67 -0.95 -9.92
N SER B 71 -0.43 -1.02 -10.40
CA SER B 71 0.75 -0.84 -9.57
C SER B 71 0.74 0.49 -8.85
N LEU B 72 0.16 1.50 -9.49
CA LEU B 72 0.21 2.87 -8.99
C LEU B 72 -1.09 3.34 -8.34
N HIS B 73 -2.18 2.62 -8.60
CA HIS B 73 -3.46 2.99 -8.08
C HIS B 73 -3.84 2.20 -6.84
N TYR B 74 -3.63 0.89 -6.88
CA TYR B 74 -4.04 -0.02 -5.80
C TYR B 74 -2.88 -0.85 -5.20
N SER B 75 -1.67 -0.32 -5.30
CA SER B 75 -0.51 -0.91 -4.67
C SER B 75 -0.36 -2.42 -4.91
N LEU B 76 -0.56 -2.84 -6.17
CA LEU B 76 -0.26 -4.23 -6.54
C LEU B 76 1.24 -4.23 -6.80
N GLN B 77 1.99 -4.28 -5.72
CA GLN B 77 3.43 -4.15 -5.74
C GLN B 77 4.00 -4.86 -4.52
N LEU B 78 5.09 -5.61 -4.75
CA LEU B 78 5.83 -6.27 -3.68
C LEU B 78 7.30 -6.28 -4.08
N PHE B 79 8.17 -6.44 -3.09
CA PHE B 79 9.61 -6.44 -3.32
C PHE B 79 10.39 -7.37 -2.40
N GLU B 80 11.66 -7.52 -2.70
CA GLU B 80 12.58 -8.31 -1.91
C GLU B 80 13.85 -7.56 -1.82
N GLY B 81 14.68 -7.98 -0.88
CA GLY B 81 15.96 -7.36 -0.62
C GLY B 81 16.89 -8.45 -0.16
N MET B 82 18.05 -8.56 -0.81
CA MET B 82 19.04 -9.58 -0.43
C MET B 82 20.40 -9.14 -0.93
N LYS B 83 21.45 -9.77 -0.41
CA LYS B 83 22.80 -9.34 -0.71
C LYS B 83 23.70 -10.41 -1.31
N ALA B 84 24.59 -9.94 -2.18
CA ALA B 84 25.62 -10.75 -2.78
C ALA B 84 26.93 -10.16 -2.29
N PHE B 85 27.90 -11.02 -1.93
CA PHE B 85 29.20 -10.58 -1.39
C PHE B 85 30.37 -11.11 -2.20
N LYS B 86 31.38 -10.27 -2.42
CA LYS B 86 32.58 -10.69 -3.15
C LYS B 86 33.70 -11.03 -2.15
N GLY B 87 34.16 -12.29 -2.20
CA GLY B 87 35.23 -12.78 -1.31
C GLY B 87 36.61 -12.42 -1.83
N LYS B 88 37.65 -12.79 -1.07
CA LYS B 88 39.04 -12.53 -1.50
C LYS B 88 39.27 -13.19 -2.87
N ASP B 89 38.91 -14.46 -2.99
CA ASP B 89 39.01 -15.16 -4.25
C ASP B 89 38.22 -14.52 -5.41
N GLN B 90 37.68 -13.30 -5.21
CA GLN B 90 36.88 -12.59 -6.22
C GLN B 90 35.57 -13.31 -6.61
N GLN B 91 35.26 -14.35 -5.85
CA GLN B 91 34.05 -15.12 -6.01
C GLN B 91 32.90 -14.33 -5.33
N VAL B 92 31.74 -14.31 -5.98
CA VAL B 92 30.55 -13.63 -5.47
C VAL B 92 29.57 -14.68 -5.01
N ARG B 93 28.93 -14.45 -3.86
CA ARG B 93 27.98 -15.40 -3.30
C ARG B 93 26.74 -14.68 -2.76
N LEU B 94 25.56 -15.25 -3.02
CA LEU B 94 24.33 -14.72 -2.43
C LEU B 94 24.08 -15.36 -1.10
N PHE B 95 23.62 -14.58 -0.13
CA PHE B 95 23.25 -15.11 1.16
C PHE B 95 21.79 -15.63 1.26
N ARG B 96 21.64 -16.94 1.42
CA ARG B 96 20.37 -17.62 1.63
C ARG B 96 19.24 -17.18 0.70
N PRO B 97 19.53 -17.00 -0.59
CA PRO B 97 18.54 -16.41 -1.50
C PRO B 97 17.25 -17.22 -1.65
N TRP B 98 17.32 -18.53 -1.44
CA TRP B 98 16.10 -19.37 -1.49
C TRP B 98 15.03 -18.81 -0.52
N LEU B 99 15.43 -18.33 0.64
CA LEU B 99 14.47 -17.80 1.59
C LEU B 99 13.81 -16.53 1.01
N ASN B 100 14.57 -15.70 0.31
CA ASN B 100 13.97 -14.52 -0.32
C ASN B 100 12.97 -14.88 -1.42
N MET B 101 13.29 -15.95 -2.15
CA MET B 101 12.43 -16.44 -3.21
C MET B 101 11.16 -17.00 -2.60
N ASP B 102 11.29 -17.75 -1.50
CA ASP B 102 10.12 -18.27 -0.82
C ASP B 102 9.21 -17.11 -0.34
N ARG B 103 9.80 -16.09 0.22
CA ARG B 103 9.02 -14.97 0.77
C ARG B 103 8.35 -14.22 -0.37
N MET B 104 9.06 -14.04 -1.47
CA MET B 104 8.53 -13.34 -2.62
C MET B 104 7.31 -14.01 -3.19
N LEU B 105 7.31 -15.35 -3.24
CA LEU B 105 6.19 -16.05 -3.80
C LEU B 105 4.99 -15.92 -2.87
N ARG B 106 5.23 -15.95 -1.56
CA ARG B 106 4.15 -15.75 -0.63
C ARG B 106 3.54 -14.34 -0.84
N SER B 107 4.37 -13.33 -1.01
CA SER B 107 3.87 -11.99 -1.23
C SER B 107 3.00 -11.95 -2.50
N ALA B 108 3.52 -12.56 -3.57
CA ALA B 108 2.81 -12.67 -4.85
C ALA B 108 1.44 -13.23 -4.68
N MET B 109 1.34 -14.34 -3.97
CA MET B 109 0.03 -14.98 -3.81
C MET B 109 -0.91 -14.09 -3.01
N ARG B 110 -0.38 -13.40 -2.01
CA ARG B 110 -1.23 -12.54 -1.19
C ARG B 110 -1.92 -11.45 -1.99
N LEU B 111 -1.22 -10.92 -2.98
CA LEU B 111 -1.75 -9.86 -3.83
C LEU B 111 -2.29 -10.35 -5.18
N CYS B 112 -2.60 -11.64 -5.27
CA CYS B 112 -3.14 -12.20 -6.51
C CYS B 112 -2.30 -11.89 -7.76
N LEU B 113 -0.98 -11.88 -7.59
CA LEU B 113 -0.06 -11.64 -8.72
C LEU B 113 0.44 -13.00 -9.18
N PRO B 114 1.00 -13.09 -10.39
CA PRO B 114 1.34 -14.40 -10.92
C PRO B 114 2.44 -15.21 -10.21
N SER B 115 2.15 -16.49 -10.02
CA SER B 115 3.11 -17.45 -9.50
C SER B 115 4.23 -17.58 -10.53
N PHE B 116 5.42 -17.90 -10.03
CA PHE B 116 6.61 -18.14 -10.85
C PHE B 116 7.44 -19.24 -10.19
N ASP B 117 8.45 -19.73 -10.91
CA ASP B 117 9.32 -20.77 -10.37
C ASP B 117 10.51 -20.12 -9.67
N LYS B 118 10.63 -20.41 -8.39
CA LYS B 118 11.63 -19.81 -7.51
C LYS B 118 13.07 -20.03 -7.94
N LEU B 119 13.35 -21.24 -8.40
CA LEU B 119 14.70 -21.58 -8.90
C LEU B 119 14.97 -20.93 -10.24
N GLU B 120 13.94 -20.75 -11.08
CA GLU B 120 14.15 -20.07 -12.37
C GLU B 120 14.52 -18.63 -12.12
N LEU B 121 13.84 -17.99 -11.18
CA LEU B 121 14.17 -16.59 -10.88
C LEU B 121 15.56 -16.45 -10.29
N LEU B 122 15.91 -17.35 -9.39
CA LEU B 122 17.23 -17.35 -8.77
C LEU B 122 18.32 -17.45 -9.84
N GLU B 123 18.14 -18.39 -10.78
CA GLU B 123 19.07 -18.55 -11.89
C GLU B 123 19.15 -17.26 -12.73
N CYS B 124 17.99 -16.67 -13.08
CA CYS B 124 18.01 -15.37 -13.82
C CYS B 124 18.71 -14.27 -13.02
N ILE B 125 18.47 -14.24 -11.71
CA ILE B 125 19.18 -13.27 -10.86
C ILE B 125 20.68 -13.55 -10.88
N ARG B 126 21.05 -14.84 -10.71
CA ARG B 126 22.47 -15.24 -10.76
C ARG B 126 23.12 -14.71 -12.05
N ARG B 127 22.50 -15.04 -13.18
CA ARG B 127 22.98 -14.58 -14.49
C ARG B 127 23.11 -13.06 -14.54
N LEU B 128 22.11 -12.36 -14.03
CA LEU B 128 22.17 -10.90 -14.02
C LEU B 128 23.33 -10.43 -13.17
N ILE B 129 23.53 -11.08 -12.04
CA ILE B 129 24.66 -10.69 -11.19
C ILE B 129 25.98 -11.02 -11.92
N GLU B 130 26.02 -12.17 -12.61
CA GLU B 130 27.19 -12.57 -13.39
C GLU B 130 27.56 -11.48 -14.40
N VAL B 131 26.58 -11.09 -15.22
CA VAL B 131 26.78 -10.03 -16.22
C VAL B 131 27.33 -8.79 -15.55
N ASP B 132 26.85 -8.47 -14.36
CA ASP B 132 27.29 -7.26 -13.66
C ASP B 132 28.26 -7.49 -12.50
N LYS B 133 28.94 -8.63 -12.46
CA LYS B 133 29.80 -8.93 -11.29
C LYS B 133 30.90 -7.90 -10.99
N ASP B 134 31.42 -7.20 -11.99
CA ASP B 134 32.44 -6.16 -11.72
C ASP B 134 31.93 -5.02 -10.83
N TRP B 135 30.59 -4.86 -10.77
CA TRP B 135 29.96 -3.85 -9.91
C TRP B 135 29.97 -4.26 -8.42
N VAL B 136 30.08 -5.56 -8.16
CA VAL B 136 30.10 -6.06 -6.78
C VAL B 136 31.41 -5.64 -6.13
N PRO B 137 31.34 -4.74 -5.14
CA PRO B 137 32.57 -4.31 -4.52
C PRO B 137 33.15 -5.43 -3.64
N ASP B 138 34.40 -5.26 -3.21
CA ASP B 138 35.06 -6.23 -2.32
C ASP B 138 35.73 -5.59 -1.11
N ALA B 139 35.48 -4.29 -0.89
CA ALA B 139 36.08 -3.63 0.25
C ALA B 139 35.40 -4.14 1.49
N ALA B 140 36.06 -4.00 2.63
CA ALA B 140 35.48 -4.46 3.86
C ALA B 140 34.09 -3.82 4.03
N GLY B 141 33.13 -4.60 4.52
CA GLY B 141 31.77 -4.12 4.78
C GLY B 141 30.87 -3.87 3.59
N THR B 142 31.35 -4.09 2.36
CA THR B 142 30.55 -3.83 1.18
C THR B 142 29.93 -5.10 0.60
N SER B 143 28.95 -4.86 -0.26
CA SER B 143 28.14 -5.90 -0.87
C SER B 143 27.35 -5.30 -2.00
N LEU B 144 26.61 -6.16 -2.68
CA LEU B 144 25.72 -5.73 -3.74
C LEU B 144 24.32 -5.99 -3.27
N TYR B 145 23.48 -4.97 -3.26
CA TYR B 145 22.09 -5.13 -2.84
C TYR B 145 21.26 -5.50 -4.06
N VAL B 146 20.45 -6.56 -3.95
CA VAL B 146 19.60 -7.05 -5.01
C VAL B 146 18.12 -6.80 -4.68
N ARG B 147 17.46 -6.04 -5.55
CA ARG B 147 16.07 -5.60 -5.36
C ARG B 147 15.19 -6.14 -6.46
N PRO B 148 14.63 -7.34 -6.23
CA PRO B 148 13.61 -7.84 -7.12
C PRO B 148 12.25 -7.14 -6.79
N VAL B 149 11.39 -7.03 -7.79
CA VAL B 149 10.09 -6.37 -7.66
C VAL B 149 9.08 -7.12 -8.53
N LEU B 150 7.87 -7.29 -8.02
CA LEU B 150 6.77 -7.79 -8.83
C LEU B 150 5.60 -6.82 -8.69
N ILE B 151 5.15 -6.26 -9.81
CA ILE B 151 4.03 -5.30 -9.82
C ILE B 151 2.91 -5.67 -10.79
N GLY B 152 1.67 -5.37 -10.38
CA GLY B 152 0.50 -5.50 -11.26
C GLY B 152 0.58 -4.39 -12.31
N ASN B 153 -0.05 -4.61 -13.46
CA ASN B 153 0.02 -3.62 -14.53
C ASN B 153 -1.27 -3.61 -15.36
N GLU B 154 -2.41 -3.66 -14.69
CA GLU B 154 -3.70 -3.70 -15.36
C GLU B 154 -4.02 -2.27 -15.75
N PRO B 155 -4.34 -2.02 -17.02
CA PRO B 155 -4.70 -0.65 -17.37
C PRO B 155 -6.19 -0.38 -17.14
N SER B 156 -6.67 -0.54 -15.90
CA SER B 156 -8.10 -0.34 -15.58
C SER B 156 -8.31 0.13 -14.16
N LEU B 157 -9.27 1.02 -13.94
CA LEU B 157 -9.49 1.56 -12.60
C LEU B 157 -10.33 0.67 -11.65
N GLY B 158 -10.75 -0.50 -12.11
CA GLY B 158 -11.47 -1.44 -11.25
C GLY B 158 -10.48 -2.09 -10.30
N VAL B 159 -10.87 -2.25 -9.05
CA VAL B 159 -10.02 -2.96 -8.09
C VAL B 159 -10.17 -4.43 -8.40
N SER B 160 -9.17 -5.04 -9.02
CA SER B 160 -9.33 -6.41 -9.50
C SER B 160 -8.02 -7.18 -9.60
N GLN B 161 -8.15 -8.49 -9.82
CA GLN B 161 -6.99 -9.34 -10.01
C GLN B 161 -6.42 -9.00 -11.36
N PRO B 162 -5.16 -8.60 -11.40
CA PRO B 162 -4.59 -8.14 -12.65
C PRO B 162 -4.34 -9.30 -13.62
N THR B 163 -4.38 -8.97 -14.90
CA THR B 163 -4.19 -9.89 -15.98
C THR B 163 -2.86 -9.54 -16.67
N ARG B 164 -2.16 -8.51 -16.15
CA ARG B 164 -0.83 -8.11 -16.61
C ARG B 164 0.09 -7.84 -15.42
N ALA B 165 1.38 -8.11 -15.59
CA ALA B 165 2.36 -7.88 -14.55
C ALA B 165 3.77 -7.78 -15.10
N LEU B 166 4.66 -7.21 -14.29
CA LEU B 166 6.07 -7.05 -14.59
C LEU B 166 6.87 -7.47 -13.38
N LEU B 167 7.87 -8.31 -13.61
CA LEU B 167 8.80 -8.70 -12.59
C LEU B 167 10.14 -8.20 -13.06
N PHE B 168 10.77 -7.35 -12.26
CA PHE B 168 12.08 -6.82 -12.58
C PHE B 168 13.02 -6.85 -11.40
N VAL B 169 14.32 -6.70 -11.68
CA VAL B 169 15.37 -6.74 -10.67
C VAL B 169 16.45 -5.74 -10.98
N ILE B 170 16.77 -4.92 -9.99
CA ILE B 170 17.83 -3.96 -10.12
C ILE B 170 18.88 -4.23 -9.01
N LEU B 171 20.09 -3.70 -9.20
CA LEU B 171 21.21 -3.96 -8.30
C LEU B 171 21.90 -2.68 -7.92
N CYS B 172 22.31 -2.60 -6.66
CA CYS B 172 23.00 -1.43 -6.11
C CYS B 172 24.26 -1.86 -5.40
N PRO B 173 25.43 -1.29 -5.76
CA PRO B 173 26.57 -1.50 -4.88
C PRO B 173 26.30 -0.72 -3.61
N VAL B 174 26.65 -1.28 -2.45
CA VAL B 174 26.39 -0.62 -1.20
C VAL B 174 27.55 -0.87 -0.24
N GLY B 175 27.66 0.02 0.75
CA GLY B 175 28.60 -0.13 1.87
C GLY B 175 27.73 -0.42 3.08
N ALA B 176 27.89 0.34 4.16
CA ALA B 176 27.01 0.19 5.34
C ALA B 176 25.72 1.01 5.16
N TYR B 177 24.83 0.97 6.14
CA TYR B 177 23.61 1.78 6.07
C TYR B 177 23.81 3.15 6.76
N PHE B 178 24.41 3.13 7.96
CA PHE B 178 24.76 4.35 8.70
C PHE B 178 26.28 4.53 8.66
N VAL B 183 28.69 -0.78 13.30
CA VAL B 183 28.42 -1.08 14.71
C VAL B 183 28.17 0.20 15.50
N THR B 184 27.46 1.14 14.90
CA THR B 184 27.06 2.35 15.60
C THR B 184 25.63 2.18 16.11
N PRO B 185 25.39 2.54 17.37
CA PRO B 185 24.08 2.24 17.94
C PRO B 185 23.03 3.27 17.57
N VAL B 186 21.75 2.97 17.84
CA VAL B 186 20.66 3.89 17.47
C VAL B 186 19.65 4.08 18.59
N SER B 187 18.95 5.19 18.52
CA SER B 187 17.90 5.51 19.48
C SER B 187 16.56 5.32 18.77
N LEU B 188 15.56 4.87 19.52
CA LEU B 188 14.27 4.57 19.00
C LEU B 188 13.18 5.41 19.67
N LEU B 189 12.18 5.80 18.88
CA LEU B 189 10.96 6.42 19.38
C LEU B 189 9.88 5.35 19.50
N ALA B 190 9.37 5.16 20.70
CA ALA B 190 8.32 4.20 20.98
C ALA B 190 7.03 4.92 21.38
N ASP B 191 6.18 5.15 20.38
CA ASP B 191 4.93 5.90 20.47
C ASP B 191 3.81 4.97 20.02
N PRO B 192 2.99 4.50 20.96
CA PRO B 192 1.95 3.53 20.62
C PRO B 192 0.81 4.06 19.74
N ALA B 193 0.76 5.36 19.47
CA ALA B 193 -0.29 5.93 18.61
C ALA B 193 -0.20 5.42 17.17
N PHE B 194 1.00 5.05 16.73
CA PHE B 194 1.20 4.58 15.37
C PHE B 194 1.38 3.06 15.32
N ILE B 195 0.59 2.41 14.47
CA ILE B 195 0.53 0.97 14.38
C ILE B 195 0.89 0.51 12.97
N ARG B 196 1.99 -0.24 12.84
CA ARG B 196 2.55 -0.70 11.57
C ARG B 196 1.75 -1.83 10.89
N ALA B 197 1.13 -2.69 11.69
CA ALA B 197 0.47 -3.87 11.17
C ALA B 197 -0.44 -4.48 12.24
N TRP B 198 -1.42 -5.25 11.79
CA TRP B 198 -2.49 -5.75 12.65
C TRP B 198 -2.66 -7.25 12.38
N VAL B 199 -3.05 -8.02 13.40
CA VAL B 199 -3.31 -9.44 13.19
C VAL B 199 -4.43 -9.53 12.17
N GLY B 200 -4.26 -10.33 11.14
CA GLY B 200 -5.23 -10.39 10.06
C GLY B 200 -4.86 -9.49 8.90
N GLY B 201 -3.82 -8.66 9.05
CA GLY B 201 -3.40 -7.75 8.01
C GLY B 201 -2.36 -8.41 7.12
N VAL B 202 -1.47 -7.59 6.55
CA VAL B 202 -0.44 -8.04 5.62
C VAL B 202 0.97 -7.59 6.03
N GLY B 203 1.12 -7.30 7.33
CA GLY B 203 2.39 -6.90 7.93
C GLY B 203 3.51 -7.91 7.78
N ASN B 204 3.13 -9.19 7.66
CA ASN B 204 4.06 -10.30 7.49
C ASN B 204 4.42 -10.62 6.03
N TYR B 205 4.09 -9.72 5.11
CA TYR B 205 4.52 -9.82 3.72
C TYR B 205 5.27 -8.54 3.32
N LYS B 206 6.21 -8.67 2.40
CA LYS B 206 7.05 -7.56 1.99
C LYS B 206 6.40 -6.81 0.83
N LEU B 207 5.31 -6.12 1.20
CA LEU B 207 4.48 -5.38 0.27
C LEU B 207 4.73 -3.90 0.46
N GLY B 208 4.80 -3.20 -0.67
CA GLY B 208 5.10 -1.76 -0.67
C GLY B 208 4.17 -0.96 0.23
N GLY B 209 2.89 -1.31 0.24
CA GLY B 209 1.89 -0.63 1.07
C GLY B 209 2.13 -0.57 2.56
N ASN B 210 2.96 -1.47 3.07
CA ASN B 210 3.33 -1.45 4.49
C ASN B 210 4.36 -0.39 4.81
N TYR B 211 5.07 0.11 3.78
CA TYR B 211 6.17 1.05 3.97
C TYR B 211 5.85 2.55 3.81
N GLY B 212 5.11 2.93 2.77
CA GLY B 212 4.73 4.33 2.58
C GLY B 212 4.21 5.03 3.83
N PRO B 213 3.35 4.37 4.60
CA PRO B 213 2.79 5.03 5.79
C PRO B 213 3.76 5.24 6.92
N THR B 214 4.91 4.60 6.86
CA THR B 214 5.91 4.74 7.89
C THR B 214 6.77 5.96 7.73
N VAL B 215 6.74 6.59 6.55
CA VAL B 215 7.58 7.75 6.27
C VAL B 215 7.30 8.93 7.20
N LEU B 216 6.04 9.24 7.44
CA LEU B 216 5.69 10.33 8.35
C LEU B 216 6.13 9.98 9.77
N VAL B 217 5.96 8.72 10.16
CA VAL B 217 6.32 8.28 11.50
C VAL B 217 7.85 8.39 11.67
N GLN B 218 8.62 7.92 10.71
CA GLN B 218 10.08 8.12 10.75
C GLN B 218 10.47 9.63 10.84
N GLN B 219 9.70 10.54 10.24
CA GLN B 219 9.99 11.99 10.36
CA GLN B 219 10.03 11.98 10.35
C GLN B 219 9.75 12.48 11.77
N GLU B 220 8.65 12.04 12.36
CA GLU B 220 8.34 12.42 13.72
C GLU B 220 9.49 11.94 14.63
N ALA B 221 10.01 10.75 14.34
CA ALA B 221 11.11 10.18 15.12
C ALA B 221 12.34 11.08 15.09
N LEU B 222 12.74 11.49 13.89
CA LEU B 222 13.88 12.40 13.70
C LEU B 222 13.69 13.74 14.40
N LYS B 223 12.52 14.33 14.25
CA LYS B 223 12.20 15.59 14.93
C LYS B 223 12.29 15.44 16.42
N ARG B 224 11.98 14.26 16.95
CA ARG B 224 12.08 14.03 18.39
C ARG B 224 13.44 13.46 18.87
N GLY B 225 14.48 13.61 18.05
CA GLY B 225 15.84 13.20 18.44
C GLY B 225 16.16 11.71 18.33
N CYS B 226 15.30 10.95 17.66
CA CYS B 226 15.51 9.51 17.51
C CYS B 226 15.86 9.20 16.07
N GLU B 227 16.44 8.03 15.84
CA GLU B 227 16.88 7.63 14.50
C GLU B 227 16.01 6.60 13.82
N GLN B 228 15.23 5.85 14.58
CA GLN B 228 14.36 4.81 14.05
C GLN B 228 13.11 4.73 14.88
N VAL B 229 12.11 4.01 14.35
CA VAL B 229 10.86 3.83 15.07
C VAL B 229 10.84 2.44 15.67
N LEU B 230 10.39 2.33 16.92
CA LEU B 230 10.10 1.03 17.55
C LEU B 230 8.59 0.87 17.48
N TRP B 231 8.13 -0.08 16.68
CA TRP B 231 6.71 -0.30 16.47
C TRP B 231 6.15 -1.13 17.61
N LEU B 232 5.20 -0.57 18.34
CA LEU B 232 4.57 -1.26 19.45
C LEU B 232 3.21 -1.80 19.02
N TYR B 233 2.78 -2.91 19.59
CA TYR B 233 1.50 -3.52 19.24
C TYR B 233 0.74 -3.91 20.48
N GLY B 234 -0.58 -3.73 20.42
CA GLY B 234 -1.47 -4.18 21.43
C GLY B 234 -1.58 -3.27 22.63
N PRO B 235 -2.58 -3.52 23.49
CA PRO B 235 -2.77 -2.73 24.69
C PRO B 235 -1.64 -2.98 25.71
N ASP B 236 -0.91 -4.09 25.57
CA ASP B 236 0.25 -4.40 26.42
C ASP B 236 1.60 -3.97 25.79
N HIS B 237 1.55 -3.06 24.83
CA HIS B 237 2.73 -2.50 24.18
C HIS B 237 3.83 -3.50 23.84
N GLN B 238 3.49 -4.46 22.98
CA GLN B 238 4.47 -5.45 22.55
C GLN B 238 5.45 -4.80 21.59
N LEU B 239 6.72 -5.17 21.72
CA LEU B 239 7.76 -4.69 20.84
C LEU B 239 7.75 -5.62 19.65
N THR B 240 7.55 -5.07 18.46
CA THR B 240 7.41 -5.90 17.25
C THR B 240 8.59 -5.83 16.29
N GLU B 241 8.94 -4.62 15.88
CA GLU B 241 9.95 -4.38 14.85
C GLU B 241 10.59 -3.02 15.09
N VAL B 242 11.78 -2.82 14.57
CA VAL B 242 12.43 -1.53 14.57
C VAL B 242 12.59 -1.10 13.13
N GLY B 243 11.86 -0.04 12.73
CA GLY B 243 11.90 0.44 11.36
C GLY B 243 11.58 -0.75 10.49
N THR B 244 12.49 -1.06 9.57
CA THR B 244 12.38 -2.22 8.70
C THR B 244 13.23 -3.43 9.19
N MET B 245 13.38 -3.57 10.51
CA MET B 245 14.23 -4.60 11.10
C MET B 245 13.50 -5.38 12.20
N ASN B 246 13.82 -6.67 12.32
CA ASN B 246 13.29 -7.44 13.41
C ASN B 246 14.02 -7.04 14.70
N ILE B 247 13.41 -7.30 15.83
CA ILE B 247 14.01 -6.90 17.09
C ILE B 247 14.38 -8.09 17.95
N PHE B 248 15.55 -8.02 18.56
CA PHE B 248 16.10 -9.06 19.42
C PHE B 248 16.48 -8.49 20.79
N VAL B 249 16.24 -9.26 21.85
CA VAL B 249 16.69 -8.86 23.18
C VAL B 249 17.50 -9.96 23.81
N TYR B 250 18.70 -9.62 24.26
CA TYR B 250 19.58 -10.56 24.95
C TYR B 250 19.57 -10.16 26.41
N TRP B 251 18.89 -10.96 27.24
CA TRP B 251 18.75 -10.65 28.65
C TRP B 251 18.75 -11.91 29.50
N THR B 252 18.71 -11.72 30.83
CA THR B 252 18.41 -12.82 31.75
C THR B 252 16.93 -12.67 32.02
N HIS B 253 16.16 -13.72 31.74
CA HIS B 253 14.70 -13.66 31.82
C HIS B 253 14.19 -13.74 33.26
N GLU B 254 12.92 -13.40 33.43
CA GLU B 254 12.23 -13.45 34.73
C GLU B 254 12.42 -14.75 35.52
N ASP B 255 12.76 -15.85 34.87
CA ASP B 255 13.01 -17.11 35.56
C ASP B 255 14.51 -17.36 35.75
N GLY B 256 15.29 -16.29 35.80
CA GLY B 256 16.73 -16.37 36.03
C GLY B 256 17.60 -16.97 34.93
N VAL B 257 17.03 -17.27 33.76
CA VAL B 257 17.78 -17.91 32.65
C VAL B 257 18.23 -16.93 31.57
N LEU B 258 19.51 -16.94 31.23
CA LEU B 258 20.06 -16.11 30.16
C LEU B 258 19.47 -16.55 28.83
N GLU B 259 18.93 -15.60 28.05
CA GLU B 259 18.33 -15.95 26.76
C GLU B 259 18.38 -14.88 25.70
N LEU B 260 18.19 -15.33 24.46
CA LEU B 260 18.00 -14.47 23.32
C LEU B 260 16.54 -14.66 22.91
N VAL B 261 15.79 -13.57 22.95
CA VAL B 261 14.37 -13.58 22.58
C VAL B 261 14.09 -12.58 21.44
N THR B 262 13.13 -12.96 20.58
CA THR B 262 12.62 -12.12 19.49
C THR B 262 11.14 -12.50 19.35
N PRO B 263 10.29 -11.55 18.97
CA PRO B 263 8.86 -11.92 18.94
C PRO B 263 8.56 -13.00 17.92
N PRO B 264 7.51 -13.81 18.17
CA PRO B 264 7.19 -14.87 17.25
C PRO B 264 6.41 -14.35 16.06
N LEU B 265 6.37 -15.18 15.02
CA LEU B 265 5.71 -14.86 13.78
C LEU B 265 4.21 -15.05 13.94
N ASN B 266 3.55 -14.08 14.55
CA ASN B 266 2.13 -14.19 14.85
C ASN B 266 1.26 -13.40 13.87
N GLY B 267 1.87 -12.84 12.81
CA GLY B 267 1.15 -12.05 11.82
C GLY B 267 1.63 -10.61 11.65
N VAL B 268 2.06 -9.97 12.73
CA VAL B 268 2.51 -8.58 12.65
C VAL B 268 4.02 -8.44 12.49
N ILE B 269 4.72 -9.55 12.30
CA ILE B 269 6.17 -9.54 12.21
C ILE B 269 6.58 -10.03 10.84
N LEU B 270 7.46 -9.30 10.16
CA LEU B 270 8.00 -9.74 8.88
C LEU B 270 9.07 -10.80 9.20
N PRO B 271 8.96 -12.00 8.61
CA PRO B 271 9.97 -13.04 8.89
C PRO B 271 11.27 -12.79 8.15
N GLY B 272 12.17 -12.07 8.80
CA GLY B 272 13.44 -11.72 8.22
C GLY B 272 14.35 -12.92 8.00
N VAL B 273 15.15 -12.86 6.95
CA VAL B 273 16.16 -13.85 6.66
C VAL B 273 17.30 -13.72 7.70
N VAL B 274 17.71 -12.49 8.02
CA VAL B 274 18.75 -12.31 9.02
C VAL B 274 18.21 -12.79 10.37
N ARG B 275 17.00 -12.40 10.74
CA ARG B 275 16.34 -12.88 11.96
C ARG B 275 16.46 -14.42 12.12
N GLN B 276 16.02 -15.14 11.10
CA GLN B 276 16.05 -16.58 11.12
C GLN B 276 17.50 -17.09 11.18
N SER B 277 18.40 -16.42 10.49
CA SER B 277 19.80 -16.80 10.51
C SER B 277 20.46 -16.64 11.89
N LEU B 278 20.03 -15.62 12.64
CA LEU B 278 20.54 -15.40 13.99
C LEU B 278 19.93 -16.41 14.99
N LEU B 279 18.65 -16.74 14.82
CA LEU B 279 18.06 -17.79 15.66
C LEU B 279 18.78 -19.12 15.41
N ASP B 280 19.05 -19.43 14.15
CA ASP B 280 19.76 -20.64 13.76
C ASP B 280 21.17 -20.68 14.36
N MET B 281 21.96 -19.64 14.11
CA MET B 281 23.32 -19.54 14.62
C MET B 281 23.38 -19.75 16.13
N ALA B 282 22.53 -19.03 16.87
CA ALA B 282 22.48 -19.13 18.33
C ALA B 282 22.02 -20.50 18.83
N GLN B 283 21.05 -21.13 18.15
CA GLN B 283 20.61 -22.47 18.53
C GLN B 283 21.77 -23.45 18.35
N THR B 284 22.48 -23.33 17.24
CA THR B 284 23.62 -24.20 16.93
C THR B 284 24.75 -24.09 17.95
N TRP B 285 24.91 -22.93 18.56
CA TRP B 285 25.90 -22.72 19.60
C TRP B 285 25.58 -23.53 20.86
N GLY B 286 24.30 -23.64 21.20
CA GLY B 286 23.87 -24.42 22.36
C GLY B 286 24.33 -23.86 23.69
N GLU B 287 24.68 -22.57 23.72
CA GLU B 287 25.22 -21.94 24.93
C GLU B 287 24.22 -21.18 25.80
N PHE B 288 23.01 -20.92 25.28
CA PHE B 288 21.96 -20.23 26.05
C PHE B 288 20.58 -20.45 25.41
N ARG B 289 19.52 -20.18 26.18
CA ARG B 289 18.17 -20.38 25.69
C ARG B 289 17.88 -19.40 24.52
N VAL B 290 17.28 -19.94 23.46
CA VAL B 290 16.91 -19.19 22.26
C VAL B 290 15.42 -19.39 22.09
N VAL B 291 14.66 -18.30 22.19
CA VAL B 291 13.22 -18.44 22.23
C VAL B 291 12.48 -17.40 21.40
N GLU B 292 11.31 -17.79 20.91
CA GLU B 292 10.40 -16.89 20.23
C GLU B 292 9.20 -16.61 21.16
N ARG B 293 9.15 -15.39 21.71
CA ARG B 293 8.10 -15.01 22.66
C ARG B 293 7.81 -13.51 22.59
N THR B 294 6.55 -13.16 22.76
CA THR B 294 6.16 -11.77 22.90
C THR B 294 7.05 -11.06 23.94
N ILE B 295 7.40 -9.83 23.65
CA ILE B 295 8.18 -8.97 24.55
C ILE B 295 7.36 -7.69 24.75
N THR B 296 7.10 -7.31 26.00
CA THR B 296 6.33 -6.10 26.30
C THR B 296 7.21 -5.01 26.93
N MET B 297 6.76 -3.77 26.86
CA MET B 297 7.50 -2.68 27.51
C MET B 297 7.52 -2.90 29.02
N LYS B 298 6.45 -3.48 29.57
CA LYS B 298 6.40 -3.76 30.99
C LYS B 298 7.57 -4.67 31.36
N GLN B 299 7.71 -5.80 30.67
CA GLN B 299 8.82 -6.71 30.92
C GLN B 299 10.17 -6.06 30.70
N LEU B 300 10.28 -5.20 29.69
CA LEU B 300 11.57 -4.61 29.39
C LEU B 300 11.98 -3.63 30.49
N LEU B 301 11.03 -2.85 31.00
CA LEU B 301 11.35 -1.88 32.05
C LEU B 301 11.84 -2.59 33.32
N ARG B 302 11.06 -3.55 33.79
CA ARG B 302 11.42 -4.34 34.96
C ARG B 302 12.82 -4.94 34.81
N ALA B 303 13.10 -5.50 33.63
CA ALA B 303 14.41 -6.10 33.37
C ALA B 303 15.53 -5.06 33.33
N LEU B 304 15.23 -3.87 32.82
CA LEU B 304 16.23 -2.79 32.78
C LEU B 304 16.54 -2.25 34.17
N GLU B 305 15.52 -2.14 35.03
CA GLU B 305 15.71 -1.67 36.40
C GLU B 305 16.46 -2.71 37.24
N GLU B 306 16.14 -3.99 37.05
CA GLU B 306 16.82 -5.08 37.75
C GLU B 306 18.18 -5.44 37.11
N GLY B 307 18.62 -4.67 36.11
CA GLY B 307 19.90 -4.86 35.45
C GLY B 307 20.07 -6.16 34.68
N ARG B 308 18.98 -6.82 34.30
CA ARG B 308 19.04 -8.12 33.58
C ARG B 308 19.22 -8.04 32.05
N VAL B 309 19.21 -6.81 31.49
CA VAL B 309 19.31 -6.63 30.03
C VAL B 309 20.75 -6.42 29.65
N ARG B 310 21.23 -7.26 28.73
CA ARG B 310 22.60 -7.16 28.23
C ARG B 310 22.67 -6.44 26.86
N GLU B 311 21.83 -6.85 25.89
CA GLU B 311 21.86 -6.24 24.54
C GLU B 311 20.48 -6.18 23.87
N VAL B 312 20.25 -5.10 23.13
CA VAL B 312 19.04 -4.97 22.31
C VAL B 312 19.48 -4.54 20.92
N PHE B 313 18.96 -5.21 19.89
CA PHE B 313 19.35 -4.84 18.53
C PHE B 313 18.32 -5.22 17.50
N GLY B 314 18.46 -4.62 16.34
CA GLY B 314 17.59 -4.88 15.24
C GLY B 314 18.38 -5.69 14.25
N SER B 315 17.67 -6.43 13.40
CA SER B 315 18.27 -7.24 12.34
C SER B 315 17.56 -7.01 11.00
N GLY B 316 18.33 -6.86 9.92
CA GLY B 316 17.75 -6.77 8.58
C GLY B 316 18.84 -6.75 7.55
N THR B 317 18.52 -7.11 6.33
CA THR B 317 19.52 -7.18 5.26
C THR B 317 20.46 -5.95 5.11
N ALA B 318 19.92 -4.73 5.12
CA ALA B 318 20.76 -3.54 4.89
C ALA B 318 21.65 -3.16 6.06
N CYS B 319 21.28 -3.58 7.27
N CYS B 319 21.19 -3.50 7.25
CA CYS B 319 22.10 -3.30 8.44
CA CYS B 319 21.89 -3.22 8.48
C CYS B 319 22.77 -4.54 9.02
C CYS B 319 21.70 -4.47 9.32
N GLN B 320 22.01 -5.64 9.05
N GLN B 320 22.61 -5.42 9.09
CA GLN B 320 22.43 -6.95 9.53
CA GLN B 320 22.44 -6.82 9.52
C GLN B 320 22.27 -7.09 11.04
C GLN B 320 22.27 -7.04 11.01
N VAL B 321 22.96 -6.27 11.84
CA VAL B 321 22.83 -6.34 13.30
C VAL B 321 23.05 -4.93 13.85
N CYS B 322 21.96 -4.25 14.21
CA CYS B 322 21.97 -2.84 14.61
C CYS B 322 21.82 -2.60 16.12
N PRO B 323 22.92 -2.23 16.80
CA PRO B 323 22.82 -1.99 18.25
C PRO B 323 21.83 -0.88 18.60
N VAL B 324 21.14 -1.04 19.73
CA VAL B 324 20.22 -0.04 20.26
C VAL B 324 20.74 0.36 21.63
N HIS B 325 20.72 1.66 21.91
CA HIS B 325 21.17 2.18 23.20
C HIS B 325 20.13 3.09 23.88
N ARG B 326 19.11 3.56 23.15
CA ARG B 326 18.10 4.41 23.77
C ARG B 326 16.71 4.20 23.18
N ILE B 327 15.70 4.18 24.05
CA ILE B 327 14.32 4.15 23.61
C ILE B 327 13.56 5.27 24.30
N LEU B 328 13.03 6.19 23.51
CA LEU B 328 12.21 7.31 24.01
C LEU B 328 10.75 6.85 24.12
N TYR B 329 10.32 6.54 25.35
CA TYR B 329 9.01 5.94 25.62
C TYR B 329 8.17 6.71 26.65
N LYS B 330 7.00 7.18 26.23
CA LYS B 330 6.17 8.04 27.08
C LYS B 330 6.99 9.26 27.52
N ASP B 331 7.58 9.95 26.54
CA ASP B 331 8.42 11.15 26.76
C ASP B 331 9.65 10.99 27.66
N ARG B 332 9.85 9.78 28.18
CA ARG B 332 10.92 9.45 29.12
C ARG B 332 11.98 8.60 28.41
N ASN B 333 13.22 9.08 28.34
CA ASN B 333 14.31 8.29 27.75
C ASN B 333 14.67 7.06 28.61
N LEU B 334 14.80 5.89 27.98
CA LEU B 334 15.20 4.66 28.67
C LEU B 334 16.55 4.29 28.07
N HIS B 335 17.56 4.12 28.94
CA HIS B 335 18.90 3.75 28.48
C HIS B 335 19.01 2.25 28.29
N ILE B 336 19.67 1.86 27.20
CA ILE B 336 19.84 0.43 26.90
C ILE B 336 21.35 0.10 26.94
N PRO B 337 21.76 -0.71 27.92
CA PRO B 337 23.18 -0.97 28.14
C PRO B 337 23.87 -1.83 27.08
N THR B 338 23.34 -1.83 25.85
CA THR B 338 23.89 -2.64 24.78
C THR B 338 25.39 -2.46 24.61
N MET B 339 25.82 -1.23 24.37
CA MET B 339 27.24 -0.97 24.09
C MET B 339 28.19 -1.22 25.27
N GLU B 340 27.65 -1.17 26.48
CA GLU B 340 28.42 -1.46 27.69
C GLU B 340 28.67 -2.95 27.86
N ASN B 341 27.85 -3.78 27.23
CA ASN B 341 28.02 -5.20 27.33
C ASN B 341 28.85 -5.82 26.21
N GLY B 342 29.58 -4.96 25.48
CA GLY B 342 30.51 -5.39 24.43
C GLY B 342 30.42 -4.51 23.20
N PRO B 343 29.36 -4.65 22.41
CA PRO B 343 28.31 -5.64 22.63
C PRO B 343 28.79 -7.00 22.10
N GLU B 344 28.92 -7.95 23.03
CA GLU B 344 29.56 -9.24 22.76
C GLU B 344 28.78 -10.07 21.76
N LEU B 345 27.51 -10.33 22.07
CA LEU B 345 26.66 -11.13 21.20
C LEU B 345 26.61 -10.55 19.80
N ILE B 346 26.41 -9.24 19.73
CA ILE B 346 26.36 -8.54 18.46
C ILE B 346 27.67 -8.69 17.68
N LEU B 347 28.79 -8.45 18.34
CA LEU B 347 30.09 -8.60 17.70
C LEU B 347 30.32 -10.05 17.27
N ARG B 348 29.92 -11.01 18.11
CA ARG B 348 30.03 -12.44 17.72
C ARG B 348 29.12 -12.79 16.52
N PHE B 349 27.89 -12.27 16.49
CA PHE B 349 26.99 -12.54 15.33
C PHE B 349 27.59 -11.97 14.08
N GLN B 350 28.07 -10.74 14.18
CA GLN B 350 28.67 -10.08 13.02
C GLN B 350 29.91 -10.79 12.47
N LYS B 351 30.75 -11.29 13.38
CA LYS B 351 31.96 -11.98 12.96
C LYS B 351 31.64 -13.25 12.19
N GLU B 352 30.80 -14.12 12.75
CA GLU B 352 30.42 -15.39 12.07
C GLU B 352 29.71 -15.14 10.71
N LEU B 353 28.77 -14.18 10.66
CA LEU B 353 28.11 -13.80 9.40
C LEU B 353 29.11 -13.31 8.38
N LYS B 354 30.05 -12.49 8.82
CA LYS B 354 31.09 -12.01 7.92
C LYS B 354 31.92 -13.19 7.40
N GLU B 355 32.31 -14.11 8.28
CA GLU B 355 33.15 -15.24 7.84
C GLU B 355 32.41 -16.09 6.80
N ILE B 356 31.12 -16.32 7.03
CA ILE B 356 30.29 -17.07 6.10
C ILE B 356 30.06 -16.32 4.76
N GLN B 357 29.56 -15.09 4.85
CA GLN B 357 29.21 -14.28 3.69
C GLN B 357 30.37 -13.96 2.76
N TYR B 358 31.54 -13.71 3.34
CA TYR B 358 32.75 -13.53 2.56
C TYR B 358 33.52 -14.81 2.25
N GLY B 359 32.95 -15.97 2.58
CA GLY B 359 33.54 -17.25 2.21
C GLY B 359 34.77 -17.71 2.98
N ILE B 360 34.97 -17.22 4.20
CA ILE B 360 36.12 -17.60 5.01
C ILE B 360 35.89 -19.02 5.55
N ARG B 361 34.63 -19.30 5.84
CA ARG B 361 34.12 -20.63 6.18
C ARG B 361 33.11 -21.01 5.15
N ALA B 362 33.27 -22.21 4.58
CA ALA B 362 32.28 -22.74 3.67
C ALA B 362 31.01 -22.90 4.45
N HIS B 363 29.89 -22.72 3.79
CA HIS B 363 28.59 -22.86 4.45
C HIS B 363 27.52 -23.03 3.40
N GLU B 364 26.57 -23.91 3.67
CA GLU B 364 25.47 -24.15 2.73
C GLU B 364 24.56 -22.92 2.53
N TRP B 365 24.66 -21.95 3.41
CA TRP B 365 23.86 -20.73 3.33
C TRP B 365 24.21 -19.91 2.11
N MET B 366 25.43 -20.07 1.57
CA MET B 366 25.87 -19.24 0.47
C MET B 366 25.64 -19.97 -0.84
N PHE B 367 25.28 -19.19 -1.85
CA PHE B 367 24.92 -19.67 -3.18
C PHE B 367 25.87 -18.95 -4.11
N PRO B 368 26.77 -19.68 -4.78
CA PRO B 368 27.75 -18.96 -5.61
C PRO B 368 27.18 -18.41 -6.92
N VAL B 369 27.66 -17.26 -7.32
CA VAL B 369 27.37 -16.72 -8.62
C VAL B 369 28.51 -17.12 -9.55
N1 PLP C . -14.89 3.54 1.19
C2 PLP C . -13.65 3.32 0.66
C2A PLP C . -12.83 2.22 1.26
C3 PLP C . -13.18 4.12 -0.39
O3 PLP C . -11.93 3.87 -0.91
C4 PLP C . -14.01 5.16 -0.90
C4A PLP C . -13.47 6.01 -2.04
C5 PLP C . -15.31 5.33 -0.34
C6 PLP C . -15.73 4.51 0.70
C5A PLP C . -16.35 6.34 -0.78
O4P PLP C . -15.76 7.53 -1.16
P PLP C . -16.61 8.55 -2.02
O1P PLP C . -18.05 8.65 -1.58
O2P PLP C . -15.80 9.78 -1.78
O3P PLP C . -16.59 8.07 -3.45
N3 4VS D . -18.64 2.62 -5.28
C9 4VS D . -17.97 1.82 -5.72
C8 4VS D . -17.14 0.82 -6.27
C6 4VS D . -17.41 -0.52 -6.41
C7 4VS D . -18.64 -1.29 -6.04
N2 4VS D . -16.35 -1.15 -6.94
C10 4VS D . -15.82 1.00 -6.77
N1 4VS D . -15.38 -0.21 -7.17
C5 4VS D . -14.11 -0.45 -7.74
O 4VS D . -13.72 -1.58 -8.10
C4 4VS D . -13.34 0.72 -7.84
N4 4VS D . -15.05 2.10 -6.91
C3 4VS D . -13.79 1.95 -7.44
C2 4VS D . -12.99 3.22 -7.54
C1 4VS D . -12.45 3.60 -6.19
CL CL E . -11.36 10.95 9.14
CL CL F . -19.30 21.10 -1.21
C1 EDO G . -38.06 8.11 2.62
O1 EDO G . -38.28 9.19 3.51
C2 EDO G . -37.91 6.83 3.43
O2 EDO G . -38.68 6.92 4.64
C1 EDO H . -28.39 19.47 1.13
O1 EDO H . -28.67 19.35 2.53
C2 EDO H . -29.59 20.12 0.47
O2 EDO H . -30.00 19.33 -0.66
C1 EDO I . 7.05 10.97 -17.45
O1 EDO I . 6.10 9.91 -17.40
C2 EDO I . 6.74 11.89 -16.30
O2 EDO I . 7.91 11.97 -15.49
C1 GOL J . -25.15 15.51 10.30
O1 GOL J . -24.76 15.70 8.93
C2 GOL J . -25.10 14.04 10.72
O2 GOL J . -26.18 13.73 11.63
C3 GOL J . -23.80 13.68 11.41
O3 GOL J . -24.04 13.05 12.69
N1 PLP K . 11.01 -6.12 9.30
C2 PLP K . 10.43 -5.43 8.26
C2A PLP K . 9.23 -4.59 8.54
C3 PLP K . 10.98 -5.55 6.99
O3 PLP K . 10.44 -4.87 5.94
C4 PLP K . 12.10 -6.37 6.77
C4A PLP K . 12.59 -6.43 5.36
C5 PLP K . 12.69 -7.06 7.85
C6 PLP K . 12.11 -6.90 9.11
C5A PLP K . 13.93 -7.94 7.82
O4P PLP K . 14.03 -8.76 6.70
P PLP K . 15.41 -9.42 6.19
O1P PLP K . 16.20 -8.41 5.42
O2P PLP K . 14.93 -10.53 5.29
O3P PLP K . 16.29 -9.90 7.35
N3 4VS L . 17.98 -3.17 7.73
C9 4VS L . 17.66 -2.14 7.35
C8 4VS L . 17.23 -0.87 6.87
C6 4VS L . 17.35 0.34 7.51
C7 4VS L . 17.93 0.66 8.86
N2 4VS L . 16.83 1.30 6.74
C10 4VS L . 16.62 -0.60 5.61
N1 4VS L . 16.37 0.73 5.58
C5 4VS L . 15.77 1.40 4.49
O 4VS L . 15.56 2.65 4.47
C4 4VS L . 15.42 0.52 3.45
N4 4VS L . 16.27 -1.39 4.59
C3 4VS L . 15.68 -0.83 3.50
C2 4VS L . 15.30 -1.81 2.43
C1 4VS L . 14.13 -2.64 2.93
CL CL M . 4.96 -15.42 8.90
C1 EDO N . 24.89 -22.38 10.99
O1 EDO N . 26.25 -22.02 11.14
C2 EDO N . 24.20 -22.20 12.32
O2 EDO N . 23.24 -23.24 12.49
C1 EDO O . 27.95 -13.10 24.52
O1 EDO O . 27.11 -13.97 25.29
C2 EDO O . 28.93 -13.94 23.70
O2 EDO O . 28.27 -15.06 23.11
C1 EDO P . 7.09 -2.48 -20.53
O1 EDO P . 7.89 -3.39 -21.29
C2 EDO P . 7.76 -2.28 -19.19
O2 EDO P . 8.41 -1.01 -19.21
#